data_8I9A
#
_entry.id   8I9A
#
_cell.length_a   1.00
_cell.length_b   1.00
_cell.length_c   1.00
_cell.angle_alpha   90.00
_cell.angle_beta   90.00
_cell.angle_gamma   90.00
#
_symmetry.space_group_name_H-M   'P 1'
#
loop_
_entity.id
_entity.type
_entity.pdbx_description
1 polymer 'Guanine nucleotide-binding protein G(q) subunit alpha'
2 polymer 'Guanine nucleotide-binding protein G(I)/G(S)/G(T) subunit beta-1'
3 polymer 'Guanine nucleotide-binding protein G(I)/G(S)/G(O) subunit gamma-2'
4 polymer 'Antibody fragment - ScFv16'
5 polymer 'C3a anaphylatoxin chemotactic receptor'
6 polymer 'EP54 ligand'
#
loop_
_entity_poly.entity_id
_entity_poly.type
_entity_poly.pdbx_seq_one_letter_code
_entity_poly.pdbx_strand_id
1 'polypeptide(L)'
;MGHHHHHHENLYFQGCTLSAEDKAAVERSKMIEKQLQKDKQVYRRTLRLLLLGADNSGKSTIVKQMRIYHVNGYSEEECK
QYKAVVYSNTIQSIIAIIRAMGRLKIDFGDSARADDARQLFVLAGAAEEGFMTAELAGVIKRLWKDSGVQACFNRSREYQ
LNDSAAYYLNDLDRIAQPNYIPTQQDVLRTRVKTSGIFETKFQVDKVNFHMFDVGAQRDERRKWIQCFNDVTAIIFVVDS
SDYNRLQEALNDFKSIWNNRWLRTISVILFLNKQDLLAEKVLAGKSKIEDYFPEFARYTTPEDATPEPGEDPRVTRAKYF
IRKEFVDISTASGDGRHICYPHFTCSVDTENARRIFNDCKDIILQMNLREYNLV
;
A
2 'polypeptide(L)'
;MHHHHHHGSSGSELDQLRQEAEQLKNQIRDARKACADATLSQITNNIDPVGRIQMRTRRTLRGHLAKIYAMHWGTDSRLL
VSASQDGKLIIWDSYTTNKVHAIPLRSSWVMTCAYAPSGNYVACGGLDNICSIYNLKTREGNVRVSRELAGHTGYLSCCR
FLDDNQIVTSSGDTTCALWDIETGQQTTTFTGHTGDVMSLSLAPDTRLFVSGACDASAKLWDVREGMCRQTFTGHESDIN
AICFFPNGNAFATGSDDATCRLFDLRADQELMTYSHDNIICGITSVSFSKSGRLLLAGYDDFNCNVWDALKADRAGVLAG
HDNRVSCLGVTDDGMAVATGSWDSFLKIWN
;
B
3 'polypeptide(L)' MASNNTASIAQARKLVEQLKMEANIDRIKVSKAAADLMAYCEAHAKEDPLLTPVPASENPFREKKFFCAIL G
4 'polypeptide(L)'
;DVQLVESGGGLVQPGGSRKLSCSASGFAFSSFGMHWVRQAPEKGLEWVAYISSGSGTIYYADTVKGRFTISRDDPKNTLF
LQMTSLRSEDTAMYYCVRSIYYYGSSPFDFWGQGTTLTVSSGGGGSGGGGSGGGGSDIVMTQATSSVPVTPGESVSISCR
SSKSLLHSNGNTYLYWFLQRPGQSPQLLIYRMSNLASGVPDRFSGSGSGTAFTLTISRLEAEDVGVYYCMQHLEYPLTFG
AGTKLELK
;
H
5 'polypeptide(L)'
;MGKTIIALSYIFCLVFADYKDDDDAANFTPVNGSSGNQSVRLVTSSSLEVLFQGPGSASFSAETNSTDLLSQPWNEPPVI
LSMVILSLTFLLGLPGNGLVLWVAGLKMQRTVNTIWFLHLTLADLLCCLSLPFSLAHLALQGQWPYGRFLCKLIPSIIVL
NMFASVFLLTAISLDRCLVVFKPIWCQNHRNVGMACSICGCIWVVAFVMCIPVFVYREIFTTDNHNRCGYKFGLSSSLDY
PDFYGDPLENRSLENIVQPPGEMNDRLDPSSFQTNDHPWTVPTVFQPQTFQRPSADSLPRGSARLTSQNLYSNVFKPADV
VSPKIPSGFPIEDHETSPLDNSDAFLSTHLKLFPSASSNSFYESELPQGFQDYYNLGQFTDDDQVPTPLVAITITRLVVG
FLLPSVIMIACYSFIVFRMQRGRFAKSQSKTFRVAVVVVAVFLVCWTPYHIFGVLSLLTDPETPLGKTLMSWDHVCIALA
SANSCFNPFLYALLGKDFRKKARQSIQGILEAAFSEELTRSTHCPSNNVISERNSTTV
;
C
6 'polypeptide(L)' YSFKPMPL(DAL)R D
#
# COMPACT_ATOMS: atom_id res chain seq x y z
N GLU A 21 -24.52 6.79 -11.12
CA GLU A 21 -23.31 6.37 -11.89
C GLU A 21 -22.13 6.05 -10.99
N ASP A 22 -21.88 6.93 -10.02
CA ASP A 22 -20.68 6.81 -9.20
C ASP A 22 -20.60 5.46 -8.50
N LYS A 23 -21.74 4.89 -8.11
CA LYS A 23 -21.70 3.59 -7.44
C LYS A 23 -21.10 2.52 -8.34
N ALA A 24 -21.27 2.65 -9.66
CA ALA A 24 -20.57 1.75 -10.56
C ALA A 24 -19.06 1.92 -10.46
N ALA A 25 -18.60 3.15 -10.26
CA ALA A 25 -17.18 3.37 -10.01
C ALA A 25 -16.76 2.73 -8.69
N VAL A 26 -17.63 2.78 -7.68
CA VAL A 26 -17.32 2.12 -6.41
C VAL A 26 -17.18 0.61 -6.63
N GLU A 27 -18.06 0.07 -7.47
CA GLU A 27 -17.97 -1.37 -7.77
C GLU A 27 -16.62 -1.63 -8.43
N ARG A 28 -16.26 -0.79 -9.42
CA ARG A 28 -14.95 -0.94 -10.05
C ARG A 28 -13.86 -1.01 -8.98
N SER A 29 -13.95 -0.12 -7.98
CA SER A 29 -12.98 -0.12 -6.89
C SER A 29 -13.00 -1.44 -6.12
N LYS A 30 -14.19 -1.96 -5.83
CA LYS A 30 -14.29 -3.25 -5.13
C LYS A 30 -13.66 -4.36 -5.98
N MET A 31 -13.89 -4.34 -7.28
CA MET A 31 -13.27 -5.33 -8.15
C MET A 31 -11.75 -5.24 -8.10
N ILE A 32 -11.21 -4.02 -8.11
CA ILE A 32 -9.77 -3.86 -8.02
C ILE A 32 -9.25 -4.38 -6.69
N GLU A 33 -10.01 -4.17 -5.62
CA GLU A 33 -9.60 -4.71 -4.32
C GLU A 33 -9.64 -6.24 -4.31
N LYS A 34 -10.63 -6.84 -4.97
CA LYS A 34 -10.63 -8.31 -5.07
C LYS A 34 -9.41 -8.80 -5.83
N GLN A 35 -9.05 -8.11 -6.90
CA GLN A 35 -7.83 -8.47 -7.64
C GLN A 35 -6.61 -8.38 -6.74
N LEU A 36 -6.49 -7.27 -5.99
CA LEU A 36 -5.35 -7.10 -5.11
C LEU A 36 -5.34 -8.15 -4.00
N GLN A 37 -6.50 -8.53 -3.49
CA GLN A 37 -6.52 -9.52 -2.42
C GLN A 37 -6.21 -10.91 -2.93
N LYS A 38 -6.57 -11.24 -4.18
CA LYS A 38 -6.09 -12.48 -4.76
C LYS A 38 -4.59 -12.45 -4.99
N ASP A 39 -4.02 -11.27 -5.26
CA ASP A 39 -2.57 -11.17 -5.41
C ASP A 39 -1.84 -11.15 -4.06
N LYS A 40 -2.50 -10.67 -3.00
CA LYS A 40 -1.85 -10.59 -1.69
C LYS A 40 -1.42 -11.96 -1.21
N GLN A 41 -2.30 -12.96 -1.33
CA GLN A 41 -1.96 -14.29 -0.83
C GLN A 41 -0.73 -14.84 -1.56
N VAL A 42 -0.67 -14.63 -2.88
CA VAL A 42 0.47 -15.13 -3.65
C VAL A 42 1.74 -14.38 -3.26
N TYR A 43 1.67 -13.06 -3.18
CA TYR A 43 2.83 -12.28 -2.76
C TYR A 43 3.32 -12.71 -1.38
N ARG A 44 2.38 -12.99 -0.48
CA ARG A 44 2.73 -13.34 0.89
C ARG A 44 3.38 -14.71 0.96
N ARG A 45 2.85 -15.69 0.23
CA ARG A 45 3.39 -17.04 0.31
C ARG A 45 4.67 -17.21 -0.49
N THR A 46 4.86 -16.45 -1.56
CA THR A 46 6.10 -16.53 -2.32
C THR A 46 7.20 -15.72 -1.63
N LEU A 47 8.43 -16.23 -1.73
CA LEU A 47 9.55 -15.75 -0.93
C LEU A 47 10.57 -15.05 -1.82
N ARG A 48 10.90 -13.80 -1.49
CA ARG A 48 11.90 -13.04 -2.22
C ARG A 48 13.29 -13.30 -1.66
N LEU A 49 14.26 -13.47 -2.55
CA LEU A 49 15.66 -13.65 -2.17
C LEU A 49 16.55 -12.84 -3.11
N LEU A 50 17.57 -12.21 -2.54
CA LEU A 50 18.62 -11.57 -3.31
C LEU A 50 19.76 -12.55 -3.52
N LEU A 51 20.54 -12.34 -4.58
CA LEU A 51 21.70 -13.19 -4.87
C LEU A 51 22.90 -12.29 -5.17
N LEU A 52 23.59 -11.87 -4.12
CA LEU A 52 24.83 -11.13 -4.27
C LEU A 52 26.00 -12.09 -4.44
N GLY A 53 27.11 -11.55 -4.91
CA GLY A 53 28.33 -12.33 -5.01
C GLY A 53 29.27 -11.78 -6.06
N ALA A 54 30.54 -12.13 -5.91
CA ALA A 54 31.56 -11.68 -6.84
C ALA A 54 31.32 -12.29 -8.22
N ASP A 55 31.81 -11.59 -9.24
CA ASP A 55 31.66 -12.08 -10.61
C ASP A 55 32.33 -13.42 -10.79
N ASN A 56 33.48 -13.64 -10.13
CA ASN A 56 34.17 -14.91 -10.20
C ASN A 56 33.55 -15.96 -9.30
N SER A 57 32.56 -15.60 -8.49
CA SER A 57 31.86 -16.56 -7.65
C SER A 57 30.98 -17.46 -8.51
N GLY A 58 30.42 -18.49 -7.86
CA GLY A 58 29.61 -19.47 -8.55
C GLY A 58 28.15 -19.07 -8.73
N LYS A 59 27.83 -17.79 -8.53
CA LYS A 59 26.42 -17.38 -8.58
C LYS A 59 25.77 -17.74 -9.90
N SER A 60 26.52 -17.59 -11.01
CA SER A 60 25.98 -17.98 -12.31
C SER A 60 25.70 -19.47 -12.37
N THR A 61 26.63 -20.30 -11.89
CA THR A 61 26.41 -21.74 -11.93
C THR A 61 25.34 -22.18 -10.94
N ILE A 62 25.20 -21.47 -9.82
CA ILE A 62 24.10 -21.76 -8.90
C ILE A 62 22.77 -21.48 -9.59
N VAL A 63 22.67 -20.36 -10.30
CA VAL A 63 21.45 -20.07 -11.04
C VAL A 63 21.21 -21.12 -12.11
N LYS A 64 22.27 -21.62 -12.75
CA LYS A 64 22.09 -22.69 -13.73
C LYS A 64 21.59 -23.98 -13.06
N GLN A 65 22.04 -24.25 -11.83
CA GLN A 65 21.59 -25.47 -11.16
C GLN A 65 20.09 -25.40 -10.89
N MET A 66 19.61 -24.24 -10.47
CA MET A 66 18.23 -24.11 -10.02
C MET A 66 17.29 -23.93 -11.21
N ARG A 67 16.03 -24.27 -10.98
CA ARG A 67 15.09 -24.46 -12.08
C ARG A 67 13.69 -24.08 -11.66
N ILE A 68 12.88 -23.68 -12.63
CA ILE A 68 11.48 -23.36 -12.40
C ILE A 68 10.68 -24.64 -12.21
N THR A 194 21.06 -4.89 -21.92
CA THR A 194 21.52 -4.14 -20.77
C THR A 194 20.50 -4.23 -19.63
N SER A 195 19.79 -5.35 -19.57
CA SER A 195 18.78 -5.54 -18.53
C SER A 195 19.43 -5.54 -17.16
N GLY A 196 18.78 -4.87 -16.21
CA GLY A 196 19.36 -4.68 -14.90
C GLY A 196 19.11 -5.77 -13.88
N ILE A 197 18.26 -6.76 -14.18
CA ILE A 197 17.88 -7.74 -13.17
C ILE A 197 17.41 -9.02 -13.86
N PHE A 198 17.77 -10.15 -13.28
CA PHE A 198 17.56 -11.47 -13.87
C PHE A 198 16.83 -12.35 -12.85
N GLU A 199 15.70 -11.88 -12.37
CA GLU A 199 14.81 -12.71 -11.57
C GLU A 199 14.74 -14.14 -12.11
N THR A 200 15.00 -15.10 -11.23
CA THR A 200 14.72 -16.50 -11.49
C THR A 200 13.88 -17.06 -10.36
N LYS A 201 13.06 -18.06 -10.67
CA LYS A 201 12.09 -18.61 -9.74
C LYS A 201 12.29 -20.12 -9.60
N PHE A 202 12.18 -20.62 -8.37
CA PHE A 202 12.34 -22.03 -8.10
C PHE A 202 11.43 -22.42 -6.94
N GLN A 203 11.20 -23.72 -6.78
CA GLN A 203 10.25 -24.22 -5.80
C GLN A 203 10.84 -25.42 -5.06
N VAL A 204 10.57 -25.50 -3.76
CA VAL A 204 10.91 -26.66 -2.95
C VAL A 204 9.76 -26.90 -1.96
N ASP A 205 9.27 -28.14 -1.91
CA ASP A 205 8.30 -28.56 -0.90
C ASP A 205 7.14 -27.57 -0.79
N LYS A 206 6.61 -27.17 -1.93
CA LYS A 206 5.45 -26.27 -1.99
C LYS A 206 5.75 -24.90 -1.39
N VAL A 207 7.03 -24.52 -1.37
CA VAL A 207 7.43 -23.14 -1.13
C VAL A 207 8.23 -22.70 -2.36
N ASN A 208 7.87 -21.56 -2.93
CA ASN A 208 8.51 -21.07 -4.14
C ASN A 208 9.18 -19.73 -3.88
N PHE A 209 10.32 -19.53 -4.53
CA PHE A 209 11.25 -18.45 -4.22
C PHE A 209 11.52 -17.64 -5.48
N HIS A 210 11.66 -16.33 -5.32
CA HIS A 210 12.19 -15.47 -6.38
C HIS A 210 13.62 -15.10 -6.02
N MET A 211 14.59 -15.66 -6.75
CA MET A 211 15.99 -15.29 -6.56
C MET A 211 16.35 -14.21 -7.57
N PHE A 212 16.62 -13.00 -7.08
CA PHE A 212 16.82 -11.84 -7.94
C PHE A 212 18.31 -11.59 -8.18
N ASP A 213 18.87 -12.38 -9.10
CA ASP A 213 20.22 -12.13 -9.55
C ASP A 213 20.31 -10.76 -10.21
N VAL A 214 21.00 -9.81 -9.58
CA VAL A 214 21.05 -8.46 -10.10
C VAL A 214 21.94 -8.42 -11.33
N GLY A 215 21.44 -7.82 -12.40
CA GLY A 215 22.16 -7.78 -13.67
C GLY A 215 23.05 -6.56 -13.83
N ALA A 216 22.86 -5.82 -14.93
CA ALA A 216 23.70 -4.68 -15.26
C ALA A 216 23.37 -3.53 -14.30
N GLN A 217 24.20 -3.36 -13.29
CA GLN A 217 24.12 -2.25 -12.37
C GLN A 217 25.54 -1.81 -12.01
N ARG A 218 25.68 -0.57 -11.57
CA ARG A 218 26.98 -0.11 -11.11
C ARG A 218 27.32 -0.74 -9.76
N ASP A 219 28.61 -0.67 -9.42
CA ASP A 219 29.12 -1.31 -8.21
C ASP A 219 28.84 -0.50 -6.95
N GLU A 220 28.29 0.71 -7.05
CA GLU A 220 27.91 1.47 -5.88
C GLU A 220 26.63 0.88 -5.30
N ARG A 221 26.69 -0.30 -4.70
CA ARG A 221 25.43 -1.00 -4.31
C ARG A 221 24.59 -0.24 -3.29
N ARG A 222 25.16 0.71 -2.56
CA ARG A 222 24.38 1.27 -1.46
C ARG A 222 23.05 1.88 -1.85
N LYS A 223 22.74 2.03 -3.14
CA LYS A 223 21.42 2.54 -3.54
C LYS A 223 20.46 1.44 -3.98
N TRP A 224 20.83 0.62 -4.96
CA TRP A 224 19.88 -0.39 -5.41
C TRP A 224 19.73 -1.50 -4.39
N ILE A 225 20.52 -1.50 -3.31
CA ILE A 225 20.28 -2.42 -2.21
C ILE A 225 19.08 -1.99 -1.36
N GLN A 226 18.75 -0.69 -1.33
CA GLN A 226 17.64 -0.26 -0.50
C GLN A 226 16.30 -0.82 -0.96
N CYS A 227 16.20 -1.24 -2.21
CA CYS A 227 15.00 -1.93 -2.66
C CYS A 227 14.85 -3.27 -1.97
N PHE A 228 15.93 -4.03 -1.86
CA PHE A 228 15.89 -5.42 -1.42
C PHE A 228 15.84 -5.60 0.09
N ASN A 229 15.63 -4.54 0.87
CA ASN A 229 15.75 -4.67 2.32
C ASN A 229 14.51 -5.31 2.93
N ASP A 230 13.67 -5.94 2.11
CA ASP A 230 12.56 -6.73 2.60
C ASP A 230 12.58 -8.16 2.09
N VAL A 231 13.69 -8.61 1.49
CA VAL A 231 13.81 -10.02 1.15
C VAL A 231 13.84 -10.83 2.45
N THR A 232 13.65 -12.15 2.31
CA THR A 232 13.75 -13.03 3.46
C THR A 232 15.19 -13.42 3.77
N ALA A 233 16.06 -13.48 2.76
CA ALA A 233 17.48 -13.72 2.97
C ALA A 233 18.27 -13.19 1.78
N ILE A 234 19.46 -12.68 2.07
CA ILE A 234 20.41 -12.25 1.05
C ILE A 234 21.43 -13.36 0.83
N ILE A 235 21.28 -14.12 -0.24
CA ILE A 235 22.30 -15.11 -0.57
C ILE A 235 23.54 -14.40 -1.04
N PHE A 236 24.67 -14.74 -0.42
CA PHE A 236 25.98 -14.17 -0.82
C PHE A 236 26.85 -15.36 -1.22
N VAL A 237 27.47 -15.31 -2.39
CA VAL A 237 28.27 -16.42 -2.92
C VAL A 237 29.70 -15.94 -3.07
N VAL A 238 30.64 -16.74 -2.57
CA VAL A 238 32.06 -16.39 -2.60
C VAL A 238 32.86 -17.55 -3.18
N ASP A 239 33.90 -17.20 -3.93
CA ASP A 239 34.92 -18.17 -4.33
C ASP A 239 35.88 -18.38 -3.16
N SER A 240 35.81 -19.56 -2.55
CA SER A 240 36.69 -19.85 -1.42
C SER A 240 38.14 -20.04 -1.84
N SER A 241 38.42 -20.14 -3.14
CA SER A 241 39.79 -20.23 -3.62
C SER A 241 40.46 -18.87 -3.51
N ASP A 242 41.49 -18.77 -2.69
CA ASP A 242 42.18 -17.51 -2.46
C ASP A 242 42.73 -16.93 -3.76
N ASN A 244 45.43 -13.10 -5.19
CA ASN A 244 44.40 -13.33 -4.19
C ASN A 244 43.33 -12.26 -4.22
N ARG A 245 42.09 -12.66 -3.97
CA ARG A 245 40.98 -11.72 -3.91
C ARG A 245 39.98 -12.08 -2.81
N LEU A 246 40.30 -13.04 -1.94
CA LEU A 246 39.39 -13.37 -0.85
C LEU A 246 39.13 -12.16 0.04
N GLN A 247 40.12 -11.28 0.19
CA GLN A 247 39.93 -10.09 1.01
C GLN A 247 38.82 -9.21 0.44
N GLU A 248 38.69 -9.14 -0.88
CA GLU A 248 37.58 -8.39 -1.46
C GLU A 248 36.25 -9.05 -1.15
N ALA A 249 36.20 -10.38 -1.13
CA ALA A 249 34.98 -11.07 -0.73
C ALA A 249 34.62 -10.75 0.72
N LEU A 250 35.62 -10.72 1.59
CA LEU A 250 35.37 -10.36 2.98
C LEU A 250 34.89 -8.92 3.10
N ASN A 251 35.46 -8.02 2.31
CA ASN A 251 34.98 -6.64 2.34
C ASN A 251 33.55 -6.54 1.83
N ASP A 252 33.22 -7.35 0.82
CA ASP A 252 31.80 -7.36 0.38
C ASP A 252 30.96 -7.78 1.58
N PHE A 253 31.29 -8.93 2.18
CA PHE A 253 30.47 -9.41 3.28
C PHE A 253 30.34 -8.34 4.37
N LYS A 254 31.44 -7.67 4.71
CA LYS A 254 31.24 -6.62 5.72
C LYS A 254 30.18 -5.66 5.17
N SER A 255 30.38 -5.16 3.96
CA SER A 255 29.45 -4.16 3.46
C SER A 255 28.01 -4.67 3.51
N ILE A 256 27.79 -5.94 3.15
CA ILE A 256 26.44 -6.49 3.09
C ILE A 256 25.86 -6.62 4.50
N TRP A 257 26.67 -7.03 5.46
CA TRP A 257 26.17 -7.34 6.78
C TRP A 257 25.79 -6.07 7.55
N ASN A 258 26.60 -5.03 7.48
CA ASN A 258 26.49 -3.94 8.45
C ASN A 258 25.64 -2.76 7.98
N ASN A 259 25.48 -2.55 6.67
CA ASN A 259 24.89 -1.30 6.23
C ASN A 259 23.45 -1.16 6.71
N ARG A 260 23.04 0.10 6.88
CA ARG A 260 22.00 0.45 7.84
C ARG A 260 20.63 -0.12 7.50
N TRP A 261 20.34 -0.38 6.23
CA TRP A 261 18.99 -0.80 5.85
C TRP A 261 18.75 -2.30 6.00
N LEU A 262 19.80 -3.11 6.16
CA LEU A 262 19.68 -4.56 6.10
C LEU A 262 19.71 -5.23 7.47
N ARG A 263 19.51 -4.47 8.55
CA ARG A 263 19.70 -5.01 9.89
C ARG A 263 18.80 -6.19 10.22
N THR A 264 17.69 -6.38 9.52
CA THR A 264 16.77 -7.47 9.81
C THR A 264 16.79 -8.57 8.74
N ILE A 265 17.84 -8.64 7.93
CA ILE A 265 17.91 -9.56 6.80
C ILE A 265 19.03 -10.55 7.04
N SER A 266 18.69 -11.84 7.10
CA SER A 266 19.69 -12.88 7.28
C SER A 266 20.48 -13.10 6.00
N VAL A 267 21.74 -13.50 6.17
CA VAL A 267 22.65 -13.70 5.04
C VAL A 267 22.97 -15.19 4.95
N ILE A 268 22.68 -15.78 3.79
CA ILE A 268 23.04 -17.16 3.49
C ILE A 268 24.29 -17.13 2.63
N LEU A 269 25.39 -17.64 3.16
CA LEU A 269 26.70 -17.52 2.55
C LEU A 269 27.12 -18.87 1.97
N PHE A 270 27.04 -19.01 0.65
CA PHE A 270 27.53 -20.20 -0.02
C PHE A 270 29.00 -20.02 -0.35
N LEU A 271 29.85 -20.70 0.40
CA LEU A 271 31.25 -20.83 0.01
C LEU A 271 31.35 -21.82 -1.14
N ASN A 272 31.31 -21.31 -2.37
CA ASN A 272 31.24 -22.13 -3.56
C ASN A 272 32.65 -22.50 -4.01
N LYS A 273 32.73 -23.30 -5.09
CA LYS A 273 34.00 -23.66 -5.72
C LYS A 273 34.89 -24.46 -4.77
N GLN A 274 34.29 -25.15 -3.80
CA GLN A 274 35.08 -25.79 -2.75
C GLN A 274 36.11 -26.75 -3.32
N ASP A 275 35.75 -27.46 -4.40
CA ASP A 275 36.68 -28.44 -4.95
C ASP A 275 37.96 -27.76 -5.42
N LEU A 276 37.83 -26.58 -6.05
CA LEU A 276 39.03 -25.88 -6.52
C LEU A 276 39.91 -25.44 -5.35
N LEU A 277 39.30 -24.96 -4.26
CA LEU A 277 40.08 -24.66 -3.07
C LEU A 277 40.81 -25.89 -2.58
N ALA A 278 40.12 -27.03 -2.53
CA ALA A 278 40.72 -28.26 -2.03
C ALA A 278 41.92 -28.65 -2.90
N GLU A 279 41.75 -28.61 -4.22
CA GLU A 279 42.86 -28.97 -5.11
C GLU A 279 44.01 -28.00 -4.97
N LYS A 280 43.71 -26.70 -4.90
CA LYS A 280 44.77 -25.70 -4.81
C LYS A 280 45.57 -25.87 -3.53
N VAL A 281 44.89 -26.21 -2.43
CA VAL A 281 45.59 -26.48 -1.18
C VAL A 281 46.41 -27.77 -1.29
N LEU A 282 45.78 -28.83 -1.79
CA LEU A 282 46.43 -30.14 -1.83
C LEU A 282 47.69 -30.10 -2.69
N ALA A 283 47.61 -29.44 -3.85
CA ALA A 283 48.74 -29.32 -4.75
C ALA A 283 49.76 -28.29 -4.30
N GLY A 284 49.45 -27.50 -3.27
CA GLY A 284 50.36 -26.48 -2.82
C GLY A 284 50.56 -25.34 -3.79
N LYS A 285 49.59 -25.10 -4.69
CA LYS A 285 49.74 -24.06 -5.68
C LYS A 285 49.71 -22.68 -5.05
N SER A 286 49.02 -22.54 -3.92
CA SER A 286 49.03 -21.31 -3.14
C SER A 286 49.00 -21.68 -1.66
N LYS A 287 49.67 -20.85 -0.85
CA LYS A 287 49.74 -21.07 0.59
C LYS A 287 49.00 -19.94 1.28
N ILE A 288 47.96 -20.29 2.04
CA ILE A 288 47.05 -19.29 2.57
C ILE A 288 47.77 -18.34 3.52
N GLU A 289 48.86 -18.79 4.14
CA GLU A 289 49.64 -17.91 5.00
C GLU A 289 50.12 -16.67 4.25
N ASP A 290 50.27 -16.78 2.92
CA ASP A 290 50.76 -15.65 2.14
C ASP A 290 49.84 -14.45 2.24
N TYR A 291 48.56 -14.69 2.51
CA TYR A 291 47.55 -13.63 2.54
C TYR A 291 46.88 -13.51 3.89
N PHE A 292 46.85 -14.57 4.69
CA PHE A 292 46.30 -14.56 6.05
C PHE A 292 47.37 -15.08 6.99
N PRO A 293 48.19 -14.20 7.56
CA PRO A 293 49.23 -14.67 8.49
C PRO A 293 48.68 -15.50 9.63
N GLU A 294 47.44 -15.25 10.02
CA GLU A 294 46.88 -15.98 11.19
C GLU A 294 46.90 -17.48 10.88
N PHE A 295 46.74 -17.84 9.62
CA PHE A 295 46.69 -19.26 9.26
C PHE A 295 47.94 -20.02 9.67
N ALA A 296 49.06 -19.32 9.87
CA ALA A 296 50.27 -19.96 10.36
C ALA A 296 50.17 -20.33 11.84
N ARG A 297 49.13 -19.86 12.53
CA ARG A 297 48.99 -20.07 13.98
C ARG A 297 47.67 -20.75 14.28
N TYR A 298 46.68 -20.53 13.42
CA TYR A 298 45.38 -21.19 13.55
C TYR A 298 45.51 -22.70 13.39
N THR A 299 44.60 -23.42 14.03
CA THR A 299 44.52 -24.87 13.91
C THR A 299 43.07 -25.30 13.76
N THR A 300 42.87 -26.49 13.23
CA THR A 300 41.52 -27.00 13.01
C THR A 300 40.78 -27.05 14.34
N PRO A 301 39.44 -26.83 14.34
CA PRO A 301 38.65 -26.91 15.57
C PRO A 301 38.56 -28.35 16.08
N GLU A 302 38.48 -28.51 17.39
CA GLU A 302 38.36 -29.83 18.01
C GLU A 302 37.00 -30.45 17.76
N ASP A 303 36.02 -29.68 17.29
CA ASP A 303 34.68 -30.16 17.03
C ASP A 303 34.29 -30.11 15.54
N ALA A 304 35.26 -29.99 14.64
CA ALA A 304 34.94 -30.03 13.21
C ALA A 304 34.47 -31.42 12.80
N THR A 305 33.69 -31.47 11.71
CA THR A 305 33.17 -32.72 11.16
C THR A 305 33.43 -32.78 9.66
N PRO A 306 34.69 -32.98 9.25
CA PRO A 306 35.00 -33.06 7.82
C PRO A 306 34.37 -34.29 7.16
N GLU A 307 34.40 -34.29 5.84
CA GLU A 307 33.94 -35.44 5.07
C GLU A 307 34.87 -36.63 5.32
N PRO A 308 34.35 -37.86 5.36
CA PRO A 308 35.23 -39.03 5.44
C PRO A 308 36.15 -39.09 4.23
N GLY A 309 37.44 -39.30 4.47
CA GLY A 309 38.44 -39.26 3.44
C GLY A 309 39.00 -37.89 3.17
N GLU A 310 38.46 -36.86 3.82
CA GLU A 310 39.01 -35.48 3.67
C GLU A 310 40.31 -35.37 4.47
N ASP A 311 41.38 -34.86 3.86
CA ASP A 311 42.63 -34.71 4.57
C ASP A 311 42.66 -33.39 5.36
N PRO A 312 43.39 -33.35 6.47
CA PRO A 312 43.28 -32.19 7.38
C PRO A 312 43.66 -30.86 6.77
N ARG A 313 44.40 -30.87 5.66
CA ARG A 313 44.82 -29.58 5.11
C ARG A 313 43.58 -28.81 4.69
N VAL A 314 42.77 -29.40 3.82
CA VAL A 314 41.61 -28.69 3.30
C VAL A 314 40.59 -28.46 4.41
N THR A 315 40.58 -29.30 5.45
CA THR A 315 39.76 -28.99 6.62
C THR A 315 40.23 -27.69 7.27
N ARG A 316 41.55 -27.58 7.50
CA ARG A 316 42.12 -26.33 7.99
C ARG A 316 41.62 -25.18 7.15
N ALA A 317 41.76 -25.29 5.82
CA ALA A 317 41.42 -24.18 4.95
C ALA A 317 39.94 -23.81 5.05
N LYS A 318 39.09 -24.82 4.86
CA LYS A 318 37.64 -24.49 4.84
C LYS A 318 37.30 -23.83 6.16
N TYR A 319 37.50 -24.56 7.25
CA TYR A 319 37.06 -24.01 8.54
C TYR A 319 37.69 -22.65 8.82
N PHE A 320 38.93 -22.41 8.36
CA PHE A 320 39.50 -21.09 8.54
C PHE A 320 38.64 -20.05 7.83
N ILE A 321 38.35 -20.29 6.56
CA ILE A 321 37.67 -19.28 5.76
C ILE A 321 36.27 -19.03 6.31
N ARG A 322 35.56 -20.11 6.64
CA ARG A 322 34.24 -19.96 7.24
C ARG A 322 34.31 -19.18 8.55
N LYS A 323 35.33 -19.47 9.37
CA LYS A 323 35.52 -18.71 10.60
C LYS A 323 35.74 -17.24 10.30
N GLU A 324 36.53 -16.93 9.27
CA GLU A 324 36.84 -15.54 8.99
C GLU A 324 35.58 -14.77 8.61
N PHE A 325 34.71 -15.39 7.81
CA PHE A 325 33.43 -14.72 7.52
C PHE A 325 32.55 -14.63 8.76
N VAL A 326 32.47 -15.70 9.54
CA VAL A 326 31.59 -15.71 10.70
C VAL A 326 32.06 -14.70 11.73
N ASP A 327 33.34 -14.34 11.70
CA ASP A 327 33.83 -13.28 12.57
C ASP A 327 33.16 -11.95 12.23
N ILE A 328 33.08 -11.63 10.94
CA ILE A 328 32.35 -10.43 10.52
C ILE A 328 30.89 -10.57 10.93
N SER A 329 30.33 -11.76 10.77
CA SER A 329 28.93 -11.98 11.12
C SER A 329 28.68 -11.68 12.60
N THR A 330 29.54 -12.20 13.48
CA THR A 330 29.34 -12.05 14.92
C THR A 330 29.71 -10.66 15.41
N ALA A 331 30.53 -9.91 14.65
CA ALA A 331 31.02 -8.63 15.14
C ALA A 331 29.90 -7.64 15.42
N SER A 332 28.73 -7.82 14.80
CA SER A 332 27.61 -6.94 15.08
C SER A 332 26.95 -7.25 16.41
N GLY A 333 27.07 -8.48 16.91
CA GLY A 333 26.67 -8.79 18.28
C GLY A 333 25.23 -8.48 18.60
N ASP A 334 24.33 -8.51 17.62
CA ASP A 334 22.96 -8.07 17.81
C ASP A 334 21.91 -9.17 17.63
N GLY A 335 22.23 -10.26 16.93
CA GLY A 335 21.35 -11.42 16.91
C GLY A 335 20.09 -11.28 16.08
N ARG A 336 19.71 -10.04 15.78
CA ARG A 336 18.50 -9.77 15.01
C ARG A 336 18.56 -10.32 13.59
N HIS A 337 19.76 -10.61 13.06
CA HIS A 337 19.87 -11.37 11.83
C HIS A 337 21.10 -12.28 11.92
N ILE A 338 21.03 -13.40 11.22
CA ILE A 338 21.93 -14.52 11.45
C ILE A 338 22.54 -14.97 10.13
N CYS A 339 23.81 -15.36 10.17
CA CYS A 339 24.52 -15.87 9.00
C CYS A 339 24.43 -17.38 8.93
N TYR A 340 24.28 -17.92 7.71
CA TYR A 340 24.15 -19.35 7.47
C TYR A 340 25.16 -19.80 6.43
N PRO A 341 26.42 -19.96 6.81
CA PRO A 341 27.43 -20.42 5.84
C PRO A 341 27.24 -21.87 5.44
N HIS A 342 27.59 -22.18 4.20
CA HIS A 342 27.57 -23.54 3.68
C HIS A 342 28.80 -23.75 2.80
N PHE A 343 29.14 -25.03 2.61
CA PHE A 343 30.14 -25.43 1.64
C PHE A 343 29.45 -26.15 0.48
N THR A 344 29.83 -25.81 -0.75
CA THR A 344 29.29 -26.50 -1.91
C THR A 344 30.25 -26.36 -3.08
N ASP A 348 25.79 -28.70 -7.69
CA ASP A 348 25.34 -29.85 -6.92
C ASP A 348 23.82 -29.97 -7.04
N THR A 349 23.22 -30.84 -6.23
CA THR A 349 21.77 -30.96 -6.17
C THR A 349 21.17 -30.38 -4.90
N GLU A 350 21.97 -30.21 -3.85
CA GLU A 350 21.44 -29.91 -2.53
C GLU A 350 21.33 -28.42 -2.25
N ASN A 351 21.92 -27.55 -3.08
CA ASN A 351 21.89 -26.12 -2.75
C ASN A 351 20.47 -25.60 -2.63
N ALA A 352 19.53 -26.13 -3.40
CA ALA A 352 18.14 -25.71 -3.24
C ALA A 352 17.61 -26.11 -1.85
N ARG A 353 17.87 -27.35 -1.45
CA ARG A 353 17.44 -27.80 -0.12
C ARG A 353 18.07 -26.95 0.97
N ARG A 354 19.33 -26.54 0.78
CA ARG A 354 19.99 -25.71 1.78
C ARG A 354 19.30 -24.35 1.92
N ILE A 355 18.98 -23.71 0.80
CA ILE A 355 18.23 -22.45 0.86
C ILE A 355 16.91 -22.69 1.58
N PHE A 356 16.23 -23.79 1.27
CA PHE A 356 14.95 -24.07 1.90
C PHE A 356 15.11 -24.18 3.41
N ASN A 357 16.12 -24.92 3.87
CA ASN A 357 16.31 -25.10 5.30
C ASN A 357 16.60 -23.77 5.99
N ASP A 358 17.49 -22.97 5.39
CA ASP A 358 17.82 -21.69 6.00
C ASP A 358 16.59 -20.78 6.04
N CYS A 359 15.82 -20.75 4.96
CA CYS A 359 14.62 -19.91 4.94
C CYS A 359 13.59 -20.38 5.96
N LYS A 360 13.45 -21.71 6.13
CA LYS A 360 12.60 -22.22 7.21
C LYS A 360 13.03 -21.62 8.54
N ASP A 361 14.35 -21.63 8.80
CA ASP A 361 14.82 -21.10 10.07
C ASP A 361 14.56 -19.60 10.20
N ILE A 362 14.74 -18.84 9.11
CA ILE A 362 14.46 -17.40 9.17
C ILE A 362 13.00 -17.17 9.49
N ILE A 363 12.11 -17.90 8.82
CA ILE A 363 10.68 -17.70 9.04
C ILE A 363 10.31 -18.05 10.46
N LEU A 364 10.86 -19.15 10.99
CA LEU A 364 10.59 -19.54 12.37
C LEU A 364 11.04 -18.46 13.34
N GLN A 365 12.24 -17.91 13.14
CA GLN A 365 12.73 -16.88 14.05
C GLN A 365 11.90 -15.60 13.94
N MET A 366 11.50 -15.23 12.72
CA MET A 366 10.62 -14.07 12.58
C MET A 366 9.29 -14.30 13.30
N ASN A 367 8.76 -15.51 13.23
CA ASN A 367 7.53 -15.80 13.94
C ASN A 367 7.71 -15.64 15.43
N LEU A 368 8.83 -16.14 15.96
CA LEU A 368 9.09 -15.98 17.39
C LEU A 368 9.23 -14.51 17.75
N ARG A 369 9.95 -13.74 16.92
CA ARG A 369 10.16 -12.33 17.19
C ARG A 369 8.85 -11.54 17.15
N GLU A 370 7.99 -11.85 16.19
CA GLU A 370 6.70 -11.15 16.09
C GLU A 370 5.86 -11.37 17.33
N TYR A 371 5.81 -12.61 17.82
CA TYR A 371 4.99 -12.95 18.97
C TYR A 371 5.65 -12.56 20.30
N ASN A 372 6.76 -11.85 20.26
CA ASN A 372 7.47 -11.42 21.46
C ASN A 372 7.91 -12.60 22.32
N LEU A 373 8.08 -13.76 21.70
CA LEU A 373 8.32 -15.00 22.42
C LEU A 373 9.71 -15.54 22.11
N VAL A 374 10.50 -14.85 21.31
CA VAL A 374 11.88 -15.24 21.06
C VAL A 374 12.67 -15.20 22.35
N GLU B 13 52.01 16.03 -19.78
CA GLU B 13 50.85 16.40 -20.63
C GLU B 13 49.57 16.52 -19.80
N LEU B 14 49.11 15.38 -19.27
CA LEU B 14 47.83 15.35 -18.56
C LEU B 14 47.83 16.26 -17.34
N ASP B 15 48.98 16.38 -16.66
CA ASP B 15 49.04 17.24 -15.48
C ASP B 15 48.64 18.66 -15.83
N GLN B 16 48.90 19.11 -17.06
CA GLN B 16 48.48 20.45 -17.45
C GLN B 16 46.96 20.57 -17.42
N LEU B 17 46.26 19.59 -17.99
CA LEU B 17 44.80 19.64 -17.98
C LEU B 17 44.26 19.50 -16.56
N ARG B 18 44.92 18.71 -15.72
CA ARG B 18 44.50 18.63 -14.33
C ARG B 18 44.60 20.00 -13.66
N GLN B 19 45.73 20.70 -13.88
CA GLN B 19 45.91 22.01 -13.29
C GLN B 19 44.88 23.00 -13.80
N GLU B 20 44.59 22.98 -15.11
CA GLU B 20 43.58 23.89 -15.64
C GLU B 20 42.20 23.56 -15.10
N ALA B 21 41.88 22.28 -14.92
CA ALA B 21 40.60 21.94 -14.29
C ALA B 21 40.51 22.51 -12.89
N GLU B 22 41.57 22.32 -12.10
CA GLU B 22 41.57 22.84 -10.73
C GLU B 22 41.41 24.35 -10.72
N GLN B 23 42.15 25.04 -11.57
CA GLN B 23 42.12 26.50 -11.55
C GLN B 23 40.80 27.05 -12.09
N LEU B 24 40.20 26.37 -13.07
CA LEU B 24 38.87 26.77 -13.54
C LEU B 24 37.83 26.59 -12.44
N LYS B 25 37.90 25.47 -11.70
CA LYS B 25 37.02 25.29 -10.56
C LYS B 25 37.23 26.40 -9.54
N ASN B 26 38.49 26.83 -9.36
CA ASN B 26 38.76 27.94 -8.46
C ASN B 26 38.16 29.25 -8.99
N GLN B 27 38.21 29.47 -10.31
CA GLN B 27 37.56 30.64 -10.89
C GLN B 27 36.06 30.63 -10.57
N ILE B 28 35.42 29.47 -10.74
CA ILE B 28 33.99 29.38 -10.45
C ILE B 28 33.74 29.67 -8.97
N ARG B 29 34.57 29.12 -8.10
CA ARG B 29 34.39 29.39 -6.67
C ARG B 29 34.53 30.87 -6.36
N ASP B 30 35.53 31.53 -6.96
CA ASP B 30 35.74 32.95 -6.71
C ASP B 30 34.56 33.77 -7.21
N ALA B 31 34.07 33.46 -8.42
CA ALA B 31 32.94 34.19 -8.95
C ALA B 31 31.70 34.00 -8.08
N ARG B 32 31.45 32.76 -7.65
CA ARG B 32 30.32 32.51 -6.78
C ARG B 32 30.43 33.30 -5.47
N LYS B 33 31.65 33.37 -4.92
CA LYS B 33 31.86 34.16 -3.72
C LYS B 33 31.58 35.63 -3.98
N ALA B 34 31.98 36.13 -5.15
CA ALA B 34 31.79 37.54 -5.46
C ALA B 34 30.31 37.92 -5.53
N CYS B 35 29.44 36.96 -5.81
CA CYS B 35 28.02 37.24 -6.00
C CYS B 35 27.23 37.23 -4.68
N ALA B 36 27.89 36.91 -3.56
CA ALA B 36 27.20 36.53 -2.32
C ALA B 36 26.88 37.70 -1.40
N ASP B 37 26.62 38.88 -1.96
CA ASP B 37 26.60 40.09 -1.16
C ASP B 37 25.70 39.98 0.07
N ALA B 38 24.61 39.23 -0.01
CA ALA B 38 23.70 39.11 1.13
C ALA B 38 22.98 37.77 1.05
N THR B 39 23.24 36.90 2.02
CA THR B 39 22.57 35.60 2.06
C THR B 39 21.07 35.78 2.30
N LEU B 40 20.31 34.78 1.86
CA LEU B 40 18.85 34.91 1.81
C LEU B 40 18.27 35.28 3.17
N SER B 41 18.73 34.61 4.24
CA SER B 41 18.16 34.85 5.56
C SER B 41 18.17 36.32 5.93
N GLN B 42 19.18 37.05 5.49
CA GLN B 42 19.27 38.47 5.83
C GLN B 42 18.09 39.24 5.27
N ILE B 43 17.83 39.09 3.97
CA ILE B 43 16.76 39.84 3.34
C ILE B 43 15.39 39.37 3.82
N THR B 44 15.27 38.07 4.16
CA THR B 44 13.97 37.56 4.60
C THR B 44 13.73 37.73 6.10
N ASN B 45 14.69 38.25 6.86
CA ASN B 45 14.54 38.29 8.31
C ASN B 45 13.27 39.02 8.73
N ASN B 46 12.81 39.99 7.96
CA ASN B 46 11.74 40.87 8.42
C ASN B 46 10.35 40.27 8.29
N ILE B 47 10.13 39.34 7.36
CA ILE B 47 8.78 38.85 7.12
C ILE B 47 8.34 37.94 8.26
N ASP B 48 7.03 37.94 8.53
CA ASP B 48 6.49 37.08 9.56
C ASP B 48 6.60 35.61 9.14
N PRO B 49 6.83 34.70 10.08
CA PRO B 49 6.89 33.28 9.72
C PRO B 49 5.52 32.74 9.33
N VAL B 50 5.54 31.63 8.58
CA VAL B 50 4.30 31.02 8.16
C VAL B 50 3.46 30.59 9.35
N GLY B 51 4.07 30.43 10.52
CA GLY B 51 3.33 30.11 11.73
C GLY B 51 3.12 28.62 11.93
N ARG B 52 2.12 28.31 12.76
CA ARG B 52 1.71 26.93 13.01
C ARG B 52 0.88 26.45 11.82
N ILE B 53 1.54 25.72 10.93
CA ILE B 53 0.97 25.35 9.64
C ILE B 53 0.41 23.92 9.71
N GLN B 54 0.03 23.49 10.91
CA GLN B 54 -0.34 22.10 11.15
C GLN B 54 -1.31 21.60 10.08
N MET B 55 -1.26 20.29 9.85
CA MET B 55 -2.11 19.64 8.85
C MET B 55 -2.61 18.31 9.39
N ARG B 56 -3.69 17.82 8.79
CA ARG B 56 -4.36 16.60 9.22
C ARG B 56 -4.65 15.69 8.04
N THR B 57 -4.53 14.38 8.26
CA THR B 57 -4.81 13.39 7.24
C THR B 57 -6.29 13.41 6.88
N ARG B 58 -6.62 13.86 5.67
CA ARG B 58 -8.01 13.87 5.24
C ARG B 58 -8.44 12.53 4.65
N ARG B 59 -7.56 11.89 3.88
CA ARG B 59 -7.83 10.60 3.26
C ARG B 59 -6.65 9.67 3.49
N THR B 60 -6.79 8.43 3.06
CA THR B 60 -5.71 7.45 3.15
C THR B 60 -5.94 6.37 2.10
N LEU B 61 -5.06 6.33 1.08
CA LEU B 61 -5.21 5.41 -0.05
C LEU B 61 -4.66 4.02 0.33
N ARG B 62 -5.46 3.33 1.13
CA ARG B 62 -5.15 1.98 1.60
C ARG B 62 -5.31 0.97 0.47
N GLY B 63 -4.35 0.04 0.33
CA GLY B 63 -4.49 -1.03 -0.64
C GLY B 63 -3.25 -1.61 -1.29
N HIS B 64 -2.10 -0.94 -1.27
CA HIS B 64 -0.89 -1.56 -1.80
C HIS B 64 -0.49 -2.77 -0.96
N LEU B 65 0.16 -3.73 -1.63
CA LEU B 65 0.63 -4.93 -0.94
C LEU B 65 1.93 -4.69 -0.18
N ALA B 66 2.80 -3.79 -0.65
CA ALA B 66 4.15 -3.66 -0.12
C ALA B 66 4.52 -2.18 -0.10
N LYS B 67 5.81 -1.90 0.09
CA LYS B 67 6.25 -0.51 0.24
C LYS B 67 6.08 0.28 -1.05
N ILE B 68 5.68 1.54 -0.89
CA ILE B 68 5.50 2.47 -2.00
C ILE B 68 6.83 3.13 -2.33
N TYR B 69 6.99 3.52 -3.59
CA TYR B 69 8.17 4.27 -4.01
C TYR B 69 7.85 5.53 -4.81
N ALA B 70 6.60 5.78 -5.20
CA ALA B 70 6.27 7.00 -5.90
C ALA B 70 4.78 7.28 -5.82
N MET B 71 4.43 8.56 -5.85
CA MET B 71 3.02 8.99 -5.86
C MET B 71 2.97 10.35 -6.55
N HIS B 72 2.61 10.33 -7.83
CA HIS B 72 2.64 11.53 -8.67
C HIS B 72 1.21 11.95 -9.04
N TRP B 73 0.95 13.25 -8.97
CA TRP B 73 -0.35 13.81 -9.31
C TRP B 73 -0.49 14.03 -10.81
N GLY B 74 -1.62 13.63 -11.36
CA GLY B 74 -1.95 14.02 -12.71
C GLY B 74 -2.16 15.51 -12.83
N THR B 75 -2.14 16.00 -14.07
CA THR B 75 -2.34 17.43 -14.30
C THR B 75 -3.74 17.88 -13.94
N ASP B 76 -4.71 16.97 -13.85
CA ASP B 76 -6.03 17.32 -13.36
C ASP B 76 -6.03 17.62 -11.86
N SER B 77 -4.92 17.35 -11.17
CA SER B 77 -4.78 17.63 -9.75
C SER B 77 -5.70 16.78 -8.88
N ARG B 78 -6.24 15.68 -9.43
CA ARG B 78 -7.19 14.88 -8.68
C ARG B 78 -6.84 13.40 -8.65
N LEU B 79 -6.30 12.86 -9.75
CA LEU B 79 -5.80 11.50 -9.74
C LEU B 79 -4.35 11.46 -9.28
N LEU B 80 -4.02 10.44 -8.50
CA LEU B 80 -2.65 10.18 -8.06
C LEU B 80 -2.26 8.76 -8.41
N VAL B 81 -1.17 8.59 -9.14
CA VAL B 81 -0.66 7.27 -9.50
C VAL B 81 0.42 6.89 -8.49
N SER B 82 0.17 5.83 -7.74
CA SER B 82 1.11 5.33 -6.74
C SER B 82 1.73 4.03 -7.23
N ALA B 83 3.05 3.93 -7.16
CA ALA B 83 3.78 2.75 -7.61
C ALA B 83 4.48 2.11 -6.42
N SER B 84 4.46 0.78 -6.38
CA SER B 84 4.91 0.06 -5.20
C SER B 84 5.74 -1.16 -5.62
N GLN B 85 6.56 -1.62 -4.67
CA GLN B 85 7.43 -2.77 -4.89
C GLN B 85 6.65 -4.06 -5.12
N ASP B 86 5.35 -4.08 -4.85
CA ASP B 86 4.53 -5.24 -5.13
C ASP B 86 4.34 -5.50 -6.61
N GLY B 87 4.91 -4.67 -7.48
CA GLY B 87 4.66 -4.78 -8.90
C GLY B 87 3.35 -4.16 -9.34
N LYS B 88 2.91 -3.11 -8.67
CA LYS B 88 1.64 -2.45 -8.98
C LYS B 88 1.85 -0.95 -9.15
N LEU B 89 1.15 -0.38 -10.13
CA LEU B 89 0.90 1.04 -10.20
C LEU B 89 -0.61 1.23 -10.17
N ILE B 90 -1.10 1.88 -9.11
CA ILE B 90 -2.54 2.06 -8.89
C ILE B 90 -2.87 3.53 -9.03
N ILE B 91 -3.88 3.84 -9.82
CA ILE B 91 -4.34 5.21 -10.01
C ILE B 91 -5.49 5.45 -9.04
N TRP B 92 -5.33 6.45 -8.17
CA TRP B 92 -6.26 6.72 -7.08
C TRP B 92 -7.13 7.92 -7.43
N ASP B 93 -8.44 7.76 -7.29
CA ASP B 93 -9.34 8.90 -7.27
C ASP B 93 -9.27 9.50 -5.87
N SER B 94 -8.48 10.57 -5.73
CA SER B 94 -8.06 10.99 -4.39
C SER B 94 -9.19 11.66 -3.59
N TYR B 95 -10.23 12.17 -4.24
CA TYR B 95 -11.35 12.71 -3.48
C TYR B 95 -12.16 11.61 -2.82
N THR B 96 -12.48 10.55 -3.56
CA THR B 96 -13.28 9.45 -3.04
C THR B 96 -12.45 8.31 -2.49
N THR B 97 -11.18 8.19 -2.90
CA THR B 97 -10.29 7.08 -2.60
C THR B 97 -10.64 5.82 -3.39
N ASN B 98 -11.46 5.93 -4.43
CA ASN B 98 -11.67 4.80 -5.33
C ASN B 98 -10.37 4.48 -6.07
N LYS B 99 -10.21 3.23 -6.45
CA LYS B 99 -9.10 2.81 -7.29
C LYS B 99 -9.60 2.65 -8.73
N VAL B 100 -9.12 3.49 -9.64
CA VAL B 100 -9.66 3.52 -10.99
C VAL B 100 -8.89 2.59 -11.93
N HIS B 101 -7.58 2.42 -11.72
CA HIS B 101 -6.83 1.39 -12.43
C HIS B 101 -5.86 0.74 -11.46
N ALA B 102 -5.61 -0.55 -11.68
CA ALA B 102 -4.46 -1.25 -11.13
C ALA B 102 -3.62 -1.73 -12.30
N ILE B 103 -2.37 -1.30 -12.35
CA ILE B 103 -1.53 -1.52 -13.53
C ILE B 103 -0.42 -2.48 -13.17
N PRO B 104 -0.57 -3.79 -13.43
CA PRO B 104 0.47 -4.74 -13.04
C PRO B 104 1.70 -4.60 -13.92
N LEU B 105 2.86 -4.45 -13.28
CA LEU B 105 4.11 -4.21 -13.98
C LEU B 105 4.75 -5.53 -14.39
N ARG B 106 5.73 -5.42 -15.31
CA ARG B 106 6.52 -6.59 -15.68
C ARG B 106 7.50 -6.96 -14.56
N SER B 107 8.32 -6.01 -14.14
CA SER B 107 9.31 -6.23 -13.09
C SER B 107 8.88 -5.47 -11.83
N SER B 108 8.79 -6.21 -10.72
CA SER B 108 8.16 -5.65 -9.52
C SER B 108 9.03 -4.62 -8.81
N TRP B 109 10.32 -4.55 -9.13
CA TRP B 109 11.22 -3.61 -8.44
C TRP B 109 11.18 -2.23 -9.09
N VAL B 110 9.99 -1.64 -9.06
CA VAL B 110 9.83 -0.26 -9.50
C VAL B 110 10.52 0.68 -8.52
N MET B 111 11.05 1.78 -9.06
CA MET B 111 11.61 2.86 -8.24
C MET B 111 11.07 4.23 -8.58
N THR B 112 10.37 4.40 -9.71
CA THR B 112 9.82 5.69 -10.07
C THR B 112 8.63 5.50 -11.00
N CYS B 113 7.70 6.44 -10.95
CA CYS B 113 6.59 6.48 -11.88
C CYS B 113 6.23 7.94 -12.14
N ALA B 114 5.53 8.18 -13.25
CA ALA B 114 5.19 9.53 -13.64
C ALA B 114 3.85 9.52 -14.37
N TYR B 115 3.15 10.65 -14.28
CA TYR B 115 1.83 10.83 -14.86
C TYR B 115 1.92 11.93 -15.90
N ALA B 116 1.61 11.60 -17.15
CA ALA B 116 1.76 12.57 -18.22
C ALA B 116 0.80 13.74 -17.98
N PRO B 117 1.17 14.94 -18.42
CA PRO B 117 0.31 16.10 -18.14
C PRO B 117 -1.07 16.00 -18.78
N SER B 118 -1.22 15.26 -19.87
CA SER B 118 -2.55 15.06 -20.46
C SER B 118 -3.35 14.00 -19.73
N GLY B 119 -2.71 13.21 -18.88
CA GLY B 119 -3.36 12.07 -18.28
C GLY B 119 -3.45 10.84 -19.16
N ASN B 120 -2.90 10.91 -20.37
CA ASN B 120 -2.99 9.78 -21.28
C ASN B 120 -2.06 8.64 -20.88
N TYR B 121 -0.90 8.95 -20.31
CA TYR B 121 0.14 7.95 -20.11
C TYR B 121 0.67 7.96 -18.68
N VAL B 122 1.07 6.77 -18.23
CA VAL B 122 1.71 6.55 -16.94
C VAL B 122 3.04 5.86 -17.21
N ALA B 123 4.14 6.50 -16.83
CA ALA B 123 5.45 5.91 -16.98
C ALA B 123 5.92 5.29 -15.68
N CYS B 124 6.80 4.29 -15.77
CA CYS B 124 7.19 3.51 -14.61
C CYS B 124 8.43 2.69 -14.93
N GLY B 125 9.37 2.63 -13.99
CA GLY B 125 10.60 1.89 -14.20
C GLY B 125 11.35 1.72 -12.90
N GLY B 126 12.42 0.93 -12.97
CA GLY B 126 13.21 0.63 -11.78
C GLY B 126 14.43 -0.22 -12.08
N LEU B 127 14.69 -1.24 -11.26
CA LEU B 127 15.89 -2.05 -11.44
C LEU B 127 15.93 -2.80 -12.76
N ASP B 128 14.83 -2.81 -13.52
CA ASP B 128 14.86 -3.41 -14.85
C ASP B 128 15.61 -2.55 -15.86
N ASN B 129 15.82 -1.26 -15.56
CA ASN B 129 16.49 -0.30 -16.44
C ASN B 129 15.61 0.12 -17.62
N ILE B 130 14.48 -0.54 -17.82
CA ILE B 130 13.57 -0.15 -18.89
C ILE B 130 12.50 0.78 -18.32
N CYS B 131 12.35 1.95 -18.92
CA CYS B 131 11.32 2.91 -18.53
C CYS B 131 10.06 2.63 -19.34
N SER B 132 9.09 1.95 -18.71
CA SER B 132 7.85 1.62 -19.39
C SER B 132 6.97 2.85 -19.53
N ILE B 133 6.14 2.85 -20.57
CA ILE B 133 5.08 3.84 -20.74
C ILE B 133 3.76 3.09 -20.91
N TYR B 134 2.86 3.29 -19.95
CA TYR B 134 1.55 2.67 -19.98
C TYR B 134 0.51 3.64 -20.53
N ASN B 135 -0.43 3.11 -21.31
CA ASN B 135 -1.47 3.91 -21.94
C ASN B 135 -2.78 3.68 -21.21
N LEU B 136 -3.37 4.76 -20.69
CA LEU B 136 -4.57 4.66 -19.87
C LEU B 136 -5.87 4.70 -20.68
N LYS B 137 -5.86 5.34 -21.85
CA LYS B 137 -7.09 5.64 -22.59
C LYS B 137 -7.33 4.67 -23.73
N THR B 138 -6.90 3.42 -23.58
CA THR B 138 -7.02 2.45 -24.66
C THR B 138 -8.48 2.18 -25.02
N ARG B 139 -8.75 2.00 -26.31
CA ARG B 139 -10.09 1.63 -26.77
C ARG B 139 -10.52 0.28 -26.21
N GLU B 140 -9.56 -0.63 -26.01
CA GLU B 140 -9.90 -1.93 -25.46
C GLU B 140 -10.31 -1.86 -24.00
N GLY B 141 -10.15 -0.71 -23.35
CA GLY B 141 -10.56 -0.53 -21.97
C GLY B 141 -9.48 -0.83 -20.95
N ASN B 142 -8.69 -1.87 -21.18
CA ASN B 142 -7.65 -2.24 -20.22
C ASN B 142 -6.34 -1.54 -20.55
N VAL B 143 -5.57 -1.24 -19.49
CA VAL B 143 -4.28 -0.59 -19.66
C VAL B 143 -3.31 -1.54 -20.35
N ARG B 144 -2.39 -0.98 -21.13
CA ARG B 144 -1.39 -1.77 -21.83
C ARG B 144 -0.15 -0.94 -22.06
N VAL B 145 0.98 -1.61 -22.23
CA VAL B 145 2.25 -0.93 -22.45
C VAL B 145 2.27 -0.31 -23.84
N SER B 146 2.54 0.99 -23.91
CA SER B 146 2.62 1.65 -25.21
C SER B 146 4.03 1.57 -25.79
N ARG B 147 5.05 1.76 -24.95
CA ARG B 147 6.44 1.66 -25.37
C ARG B 147 7.27 1.29 -24.16
N GLU B 148 8.41 0.65 -24.42
CA GLU B 148 9.35 0.25 -23.38
C GLU B 148 10.72 0.81 -23.74
N LEU B 149 11.13 1.85 -23.03
CA LEU B 149 12.28 2.66 -23.41
C LEU B 149 13.58 2.01 -22.89
N ALA B 150 13.99 0.95 -23.57
CA ALA B 150 15.24 0.29 -23.27
C ALA B 150 16.42 1.16 -23.68
N GLY B 151 17.55 0.97 -23.00
CA GLY B 151 18.77 1.65 -23.40
C GLY B 151 19.72 2.08 -22.31
N HIS B 152 19.27 2.17 -21.06
CA HIS B 152 20.18 2.49 -19.98
C HIS B 152 20.98 1.27 -19.54
N THR B 153 22.14 1.54 -18.94
CA THR B 153 23.01 0.51 -18.37
C THR B 153 22.92 0.47 -16.85
N GLY B 154 21.85 1.00 -16.28
CA GLY B 154 21.70 1.05 -14.84
C GLY B 154 20.27 1.42 -14.48
N TYR B 155 19.94 1.21 -13.21
CA TYR B 155 18.55 1.32 -12.78
C TYR B 155 17.99 2.70 -13.12
N LEU B 156 16.78 2.71 -13.67
CA LEU B 156 16.08 3.94 -14.04
C LEU B 156 15.51 4.55 -12.77
N SER B 157 16.23 5.53 -12.23
CA SER B 157 15.94 6.01 -10.88
C SER B 157 14.77 6.99 -10.84
N CYS B 158 14.56 7.80 -11.88
CA CYS B 158 13.49 8.79 -11.83
C CYS B 158 13.20 9.28 -13.25
N CYS B 159 11.92 9.59 -13.52
CA CYS B 159 11.53 10.04 -14.83
C CYS B 159 10.33 10.97 -14.74
N ARG B 160 10.21 11.86 -15.73
CA ARG B 160 9.10 12.78 -15.84
C ARG B 160 8.81 13.03 -17.31
N PHE B 161 7.56 13.36 -17.63
CA PHE B 161 7.17 13.70 -18.99
C PHE B 161 7.36 15.19 -19.28
N LEU B 162 7.96 15.48 -20.44
CA LEU B 162 7.88 16.82 -20.99
C LEU B 162 6.54 17.05 -21.66
N ASP B 163 6.11 16.09 -22.48
CA ASP B 163 4.82 16.12 -23.16
C ASP B 163 4.48 14.68 -23.48
N ASP B 164 3.31 14.49 -24.10
CA ASP B 164 2.84 13.12 -24.33
C ASP B 164 3.81 12.29 -25.14
N ASN B 165 4.75 12.92 -25.83
CA ASN B 165 5.70 12.20 -26.68
C ASN B 165 7.09 12.09 -26.08
N GLN B 166 7.56 13.13 -25.39
CA GLN B 166 8.93 13.19 -24.88
C GLN B 166 8.95 12.96 -23.38
N ILE B 167 9.81 12.05 -22.95
CA ILE B 167 10.02 11.75 -21.54
C ILE B 167 11.50 11.84 -21.23
N VAL B 168 11.85 12.36 -20.05
CA VAL B 168 13.23 12.53 -19.63
C VAL B 168 13.47 11.65 -18.41
N THR B 169 14.52 10.85 -18.46
CA THR B 169 14.81 9.84 -17.45
C THR B 169 16.20 10.06 -16.86
N SER B 170 16.32 9.86 -15.55
CA SER B 170 17.59 9.92 -14.85
C SER B 170 17.88 8.54 -14.27
N SER B 171 19.08 8.03 -14.52
CA SER B 171 19.39 6.62 -14.31
C SER B 171 20.64 6.46 -13.46
N GLY B 172 20.87 5.22 -13.04
CA GLY B 172 22.02 4.92 -12.19
C GLY B 172 23.35 4.99 -12.91
N ASP B 173 23.34 5.00 -14.23
CA ASP B 173 24.57 4.98 -15.02
C ASP B 173 25.09 6.38 -15.28
N THR B 174 24.73 7.33 -14.42
CA THR B 174 25.23 8.70 -14.42
C THR B 174 24.64 9.54 -15.55
N THR B 175 23.91 8.94 -16.46
CA THR B 175 23.34 9.71 -17.56
C THR B 175 21.90 10.13 -17.26
N CYS B 176 21.44 11.12 -18.01
CA CYS B 176 20.02 11.40 -18.19
C CYS B 176 19.76 11.42 -19.69
N ALA B 177 18.52 11.15 -20.07
CA ALA B 177 18.21 10.97 -21.47
C ALA B 177 16.87 11.61 -21.80
N LEU B 178 16.79 12.20 -22.98
CA LEU B 178 15.54 12.70 -23.55
C LEU B 178 15.09 11.69 -24.60
N TRP B 179 14.04 10.96 -24.30
CA TRP B 179 13.54 9.95 -25.22
C TRP B 179 12.49 10.54 -26.15
N ASP B 180 12.24 9.84 -27.24
CA ASP B 180 11.06 10.05 -28.06
C ASP B 180 10.20 8.80 -27.96
N ILE B 181 9.01 8.94 -27.37
CA ILE B 181 8.20 7.77 -27.06
C ILE B 181 7.58 7.13 -28.30
N GLU B 182 7.54 7.84 -29.43
CA GLU B 182 7.05 7.26 -30.66
C GLU B 182 8.08 6.34 -31.29
N THR B 183 9.34 6.80 -31.38
CA THR B 183 10.41 5.99 -31.92
C THR B 183 10.99 5.05 -30.87
N GLY B 184 10.93 5.43 -29.59
CA GLY B 184 11.54 4.67 -28.53
C GLY B 184 13.01 4.94 -28.33
N GLN B 185 13.61 5.82 -29.11
CA GLN B 185 15.05 6.06 -29.07
C GLN B 185 15.39 7.22 -28.14
N GLN B 186 16.65 7.26 -27.74
CA GLN B 186 17.18 8.41 -26.99
C GLN B 186 17.48 9.53 -27.97
N THR B 187 16.65 10.58 -27.97
CA THR B 187 16.90 11.72 -28.83
C THR B 187 18.09 12.54 -28.37
N THR B 188 18.43 12.48 -27.08
CA THR B 188 19.58 13.19 -26.55
C THR B 188 19.98 12.52 -25.24
N THR B 189 21.28 12.30 -25.06
CA THR B 189 21.83 11.75 -23.83
C THR B 189 22.57 12.86 -23.10
N PHE B 190 22.16 13.14 -21.86
CA PHE B 190 22.84 14.10 -21.02
C PHE B 190 23.86 13.35 -20.18
N THR B 191 25.07 13.88 -20.10
CA THR B 191 26.12 13.22 -19.33
C THR B 191 27.03 14.27 -18.72
N GLY B 192 27.73 13.88 -17.67
CA GLY B 192 28.56 14.81 -16.93
C GLY B 192 28.57 14.54 -15.44
N HIS B 193 27.64 13.73 -14.96
CA HIS B 193 27.71 13.26 -13.58
C HIS B 193 28.85 12.25 -13.43
N THR B 194 29.26 12.06 -12.17
CA THR B 194 30.27 11.06 -11.83
C THR B 194 29.74 10.14 -10.74
N GLY B 195 28.45 9.84 -10.78
CA GLY B 195 27.86 8.91 -9.85
C GLY B 195 26.43 8.60 -10.27
N ASP B 196 25.73 7.88 -9.42
CA ASP B 196 24.33 7.57 -9.68
C ASP B 196 23.49 8.84 -9.67
N VAL B 197 22.73 9.06 -10.74
CA VAL B 197 21.84 10.22 -10.86
C VAL B 197 20.48 9.87 -10.28
N MET B 198 20.32 10.07 -8.97
CA MET B 198 19.20 9.50 -8.24
C MET B 198 17.90 10.31 -8.29
N SER B 199 17.90 11.49 -8.90
CA SER B 199 16.70 12.33 -8.81
C SER B 199 16.63 13.29 -9.99
N LEU B 200 15.42 13.74 -10.29
CA LEU B 200 15.18 14.58 -11.45
C LEU B 200 13.88 15.36 -11.28
N SER B 201 13.79 16.50 -11.95
CA SER B 201 12.55 17.28 -11.98
C SER B 201 12.60 18.27 -13.12
N LEU B 202 11.68 18.16 -14.07
CA LEU B 202 11.59 19.11 -15.17
C LEU B 202 11.03 20.44 -14.69
N ALA B 203 11.52 21.53 -15.25
CA ALA B 203 11.12 22.86 -14.82
C ALA B 203 9.68 23.15 -15.24
N PRO B 204 9.03 24.13 -14.61
CA PRO B 204 7.63 24.42 -14.96
C PRO B 204 7.42 24.79 -16.42
N ASP B 205 8.41 25.39 -17.07
CA ASP B 205 8.32 25.76 -18.47
C ASP B 205 8.88 24.69 -19.41
N THR B 206 9.31 23.56 -18.87
CA THR B 206 9.79 22.38 -19.61
C THR B 206 10.94 22.71 -20.55
N ARG B 207 11.55 23.89 -20.45
CA ARG B 207 12.69 24.21 -21.28
C ARG B 207 13.99 23.62 -20.77
N LEU B 208 14.03 23.17 -19.51
CA LEU B 208 15.24 22.62 -18.92
C LEU B 208 14.87 21.87 -17.66
N PHE B 209 15.77 21.02 -17.20
CA PHE B 209 15.53 20.21 -16.02
C PHE B 209 16.82 20.06 -15.23
N VAL B 210 16.68 19.65 -13.97
CA VAL B 210 17.80 19.39 -13.08
C VAL B 210 17.76 17.94 -12.65
N SER B 211 18.94 17.38 -12.36
CA SER B 211 19.05 16.02 -11.86
C SER B 211 20.13 15.96 -10.79
N GLY B 212 19.78 15.47 -9.62
CA GLY B 212 20.72 15.35 -8.51
C GLY B 212 21.29 13.94 -8.47
N ALA B 213 22.55 13.83 -8.06
CA ALA B 213 23.30 12.60 -8.22
C ALA B 213 24.14 12.34 -6.98
N CYS B 214 24.60 11.09 -6.86
CA CYS B 214 25.37 10.65 -5.70
C CYS B 214 26.81 11.13 -5.73
N ASP B 215 27.17 11.99 -6.66
CA ASP B 215 28.37 12.80 -6.51
C ASP B 215 28.12 14.03 -5.65
N ALA B 216 26.95 14.11 -5.03
CA ALA B 216 26.59 15.18 -4.12
C ALA B 216 26.50 16.54 -4.80
N SER B 217 26.35 16.57 -6.13
CA SER B 217 26.21 17.80 -6.88
C SER B 217 24.99 17.71 -7.80
N ALA B 218 24.30 18.83 -7.96
CA ALA B 218 23.11 18.92 -8.78
C ALA B 218 23.40 19.73 -10.04
N LYS B 219 22.90 19.23 -11.17
CA LYS B 219 23.23 19.77 -12.48
C LYS B 219 21.97 20.22 -13.22
N LEU B 220 22.06 21.39 -13.84
CA LEU B 220 20.98 21.96 -14.63
C LEU B 220 21.25 21.72 -16.11
N TRP B 221 20.25 21.20 -16.82
CA TRP B 221 20.39 20.81 -18.22
C TRP B 221 19.28 21.47 -19.02
N ASP B 222 19.59 21.91 -20.23
CA ASP B 222 18.57 22.39 -21.15
C ASP B 222 18.35 21.35 -22.24
N VAL B 223 17.09 20.94 -22.43
CA VAL B 223 16.77 19.84 -23.32
C VAL B 223 16.96 20.21 -24.80
N ARG B 224 17.05 21.50 -25.11
CA ARG B 224 17.27 21.96 -26.48
C ARG B 224 18.74 21.97 -26.88
N GLU B 225 19.66 21.75 -25.94
CA GLU B 225 21.08 21.84 -26.20
C GLU B 225 21.82 20.56 -25.90
N GLY B 226 21.48 19.87 -24.81
CA GLY B 226 22.00 18.55 -24.54
C GLY B 226 23.16 18.46 -23.59
N MET B 227 23.52 19.53 -22.91
CA MET B 227 24.65 19.51 -21.98
C MET B 227 24.32 20.33 -20.74
N CYS B 228 25.01 20.01 -19.65
CA CYS B 228 24.82 20.74 -18.40
C CYS B 228 25.24 22.19 -18.56
N ARG B 229 24.38 23.11 -18.12
CA ARG B 229 24.79 24.51 -18.09
C ARG B 229 25.52 24.83 -16.80
N GLN B 230 25.00 24.39 -15.66
CA GLN B 230 25.48 24.84 -14.36
C GLN B 230 25.58 23.64 -13.42
N THR B 231 26.56 23.68 -12.53
CA THR B 231 26.78 22.63 -11.54
C THR B 231 26.75 23.23 -10.14
N PHE B 232 25.96 22.62 -9.26
CA PHE B 232 25.77 23.11 -7.90
C PHE B 232 26.28 22.05 -6.92
N THR B 233 26.93 22.51 -5.86
CA THR B 233 27.56 21.61 -4.90
C THR B 233 27.42 22.20 -3.51
N GLY B 234 27.65 21.36 -2.50
CA GLY B 234 27.53 21.80 -1.12
C GLY B 234 27.03 20.74 -0.16
N HIS B 235 26.39 19.68 -0.66
CA HIS B 235 26.09 18.54 0.19
C HIS B 235 27.35 17.76 0.53
N GLU B 236 27.25 17.00 1.62
CA GLU B 236 28.31 16.13 2.08
C GLU B 236 28.06 14.67 1.77
N SER B 237 26.99 14.35 1.03
CA SER B 237 26.68 12.98 0.69
C SER B 237 25.66 12.99 -0.45
N ASP B 238 25.23 11.79 -0.85
CA ASP B 238 24.40 11.63 -2.02
C ASP B 238 23.12 12.47 -1.93
N ILE B 239 22.71 13.02 -3.07
CA ILE B 239 21.47 13.78 -3.19
C ILE B 239 20.33 12.82 -3.55
N ASN B 240 19.40 12.64 -2.62
CA ASN B 240 18.29 11.71 -2.84
C ASN B 240 17.09 12.33 -3.52
N ALA B 241 16.93 13.65 -3.47
CA ALA B 241 15.72 14.27 -3.99
C ALA B 241 16.01 15.69 -4.46
N ILE B 242 15.20 16.15 -5.40
CA ILE B 242 15.39 17.46 -6.02
C ILE B 242 14.03 17.93 -6.52
N CYS B 243 13.82 19.25 -6.52
CA CYS B 243 12.52 19.79 -6.90
C CYS B 243 12.63 21.27 -7.26
N PHE B 244 12.02 21.66 -8.38
CA PHE B 244 11.99 23.06 -8.80
C PHE B 244 11.03 23.90 -7.97
N PHE B 245 11.49 25.10 -7.65
CA PHE B 245 10.65 26.12 -7.05
C PHE B 245 9.67 26.63 -8.10
N PRO B 246 8.40 26.87 -7.74
CA PRO B 246 7.37 27.10 -8.79
C PRO B 246 7.71 28.21 -9.76
N ASN B 247 8.64 29.10 -9.42
CA ASN B 247 9.05 30.15 -10.35
C ASN B 247 9.91 29.64 -11.49
N GLY B 248 10.38 28.40 -11.41
CA GLY B 248 11.25 27.87 -12.45
C GLY B 248 12.64 28.45 -12.49
N ASN B 249 13.05 29.19 -11.46
CA ASN B 249 14.36 29.81 -11.39
C ASN B 249 15.11 29.47 -10.11
N ALA B 250 14.61 28.52 -9.32
CA ALA B 250 15.30 28.02 -8.15
C ALA B 250 14.79 26.61 -7.87
N PHE B 251 15.57 25.84 -7.13
CA PHE B 251 15.19 24.47 -6.87
C PHE B 251 15.77 24.01 -5.55
N ALA B 252 15.06 23.08 -4.91
CA ALA B 252 15.50 22.47 -3.66
C ALA B 252 16.15 21.12 -3.93
N THR B 253 17.13 20.78 -3.10
CA THR B 253 17.77 19.47 -3.15
C THR B 253 17.88 18.92 -1.75
N GLY B 254 17.55 17.64 -1.58
CA GLY B 254 17.59 17.00 -0.29
C GLY B 254 18.39 15.70 -0.34
N SER B 255 19.24 15.48 0.65
CA SER B 255 20.28 14.47 0.57
C SER B 255 20.24 13.54 1.77
N ASP B 256 20.93 12.41 1.63
CA ASP B 256 21.09 11.47 2.73
C ASP B 256 21.91 12.04 3.87
N ASP B 257 22.46 13.25 3.70
CA ASP B 257 23.12 13.97 4.79
C ASP B 257 22.13 14.58 5.78
N ALA B 258 20.84 14.26 5.65
CA ALA B 258 19.80 14.75 6.55
C ALA B 258 19.59 16.25 6.44
N THR B 259 20.02 16.86 5.35
CA THR B 259 19.88 18.29 5.13
C THR B 259 19.49 18.54 3.69
N CYS B 260 18.67 19.56 3.46
CA CYS B 260 18.26 19.96 2.12
C CYS B 260 18.55 21.44 1.91
N ARG B 261 18.77 21.81 0.65
CA ARG B 261 19.36 23.10 0.30
C ARG B 261 18.56 23.74 -0.83
N LEU B 262 18.57 25.06 -0.87
CA LEU B 262 17.91 25.84 -1.93
C LEU B 262 18.98 26.46 -2.83
N PHE B 263 18.93 26.13 -4.12
CA PHE B 263 19.84 26.66 -5.12
C PHE B 263 19.08 27.62 -6.04
N ASP B 264 19.69 28.76 -6.33
CA ASP B 264 19.13 29.73 -7.27
C ASP B 264 19.96 29.74 -8.55
N LEU B 265 19.30 29.52 -9.69
CA LEU B 265 20.05 29.34 -10.94
C LEU B 265 20.81 30.61 -11.32
N ARG B 266 20.13 31.76 -11.35
CA ARG B 266 20.81 32.98 -11.70
C ARG B 266 21.89 33.34 -10.68
N ALA B 267 21.68 32.95 -9.42
CA ALA B 267 22.70 33.14 -8.40
C ALA B 267 23.82 32.11 -8.51
N ASP B 268 23.57 30.99 -9.17
CA ASP B 268 24.60 29.98 -9.42
C ASP B 268 25.16 29.39 -8.14
N GLN B 269 24.46 29.52 -7.01
CA GLN B 269 24.99 29.06 -5.74
C GLN B 269 23.86 28.82 -4.76
N GLU B 270 24.19 28.08 -3.69
CA GLU B 270 23.21 27.75 -2.66
C GLU B 270 22.93 28.96 -1.78
N LEU B 271 21.66 29.16 -1.42
CA LEU B 271 21.25 30.35 -0.68
C LEU B 271 20.72 30.07 0.72
N MET B 272 20.08 28.93 0.96
CA MET B 272 19.60 28.60 2.29
C MET B 272 19.60 27.09 2.46
N THR B 273 19.77 26.64 3.71
CA THR B 273 19.81 25.23 4.03
C THR B 273 18.90 24.95 5.22
N TYR B 274 18.16 23.85 5.13
CA TYR B 274 17.13 23.49 6.11
C TYR B 274 17.64 22.32 6.93
N SER B 275 17.89 22.56 8.22
CA SER B 275 18.35 21.50 9.11
C SER B 275 18.08 21.91 10.54
N HIS B 276 18.04 20.93 11.41
CA HIS B 276 17.88 21.15 12.84
C HIS B 276 18.66 20.03 13.54
N ASP B 277 19.31 20.34 14.64
CA ASP B 277 20.30 19.41 15.18
C ASP B 277 19.70 18.07 15.56
N ASN B 278 18.38 18.00 15.76
CA ASN B 278 17.76 16.76 16.23
C ASN B 278 17.33 15.83 15.10
N ILE B 279 17.50 16.21 13.83
CA ILE B 279 17.15 15.34 12.71
C ILE B 279 18.43 14.76 12.13
N ILE B 280 18.44 13.43 11.95
CA ILE B 280 19.61 12.70 11.48
C ILE B 280 19.20 11.79 10.32
N CYS B 281 17.90 11.60 10.12
CA CYS B 281 17.42 10.74 9.05
C CYS B 281 17.71 11.35 7.69
N GLY B 282 17.99 10.48 6.71
CA GLY B 282 18.24 10.95 5.35
C GLY B 282 16.96 11.36 4.65
N ILE B 283 17.08 12.37 3.78
CA ILE B 283 15.94 12.84 3.02
C ILE B 283 15.52 11.79 2.00
N THR B 284 14.28 11.90 1.54
CA THR B 284 13.77 11.06 0.46
C THR B 284 13.00 11.82 -0.60
N SER B 285 12.58 13.06 -0.32
CA SER B 285 11.79 13.82 -1.27
C SER B 285 11.90 15.30 -0.93
N VAL B 286 11.51 16.13 -1.90
CA VAL B 286 11.33 17.56 -1.66
C VAL B 286 10.21 18.03 -2.58
N SER B 287 9.41 18.97 -2.10
CA SER B 287 8.34 19.51 -2.93
C SER B 287 7.80 20.78 -2.30
N PHE B 288 7.63 21.81 -3.13
CA PHE B 288 7.08 23.09 -2.70
C PHE B 288 5.55 23.07 -2.76
N SER B 289 4.96 23.91 -1.93
CA SER B 289 3.57 24.29 -2.14
C SER B 289 3.50 25.42 -3.17
N LYS B 290 2.32 25.58 -3.79
CA LYS B 290 2.24 26.32 -5.04
C LYS B 290 2.87 27.70 -4.94
N SER B 291 2.71 28.40 -3.81
CA SER B 291 3.29 29.73 -3.71
C SER B 291 4.80 29.71 -3.57
N GLY B 292 5.38 28.56 -3.21
CA GLY B 292 6.79 28.52 -2.91
C GLY B 292 7.15 28.92 -1.51
N ARG B 293 6.17 29.18 -0.64
CA ARG B 293 6.46 29.58 0.73
C ARG B 293 6.63 28.39 1.66
N LEU B 294 6.01 27.25 1.36
CA LEU B 294 6.25 26.02 2.12
C LEU B 294 7.09 25.06 1.29
N LEU B 295 8.17 24.57 1.90
CA LEU B 295 8.98 23.49 1.35
C LEU B 295 8.70 22.25 2.18
N LEU B 296 8.24 21.18 1.52
CA LEU B 296 7.95 19.93 2.20
C LEU B 296 9.05 18.92 1.88
N ALA B 297 9.52 18.22 2.91
CA ALA B 297 10.61 17.26 2.78
C ALA B 297 10.25 15.96 3.51
N GLY B 298 10.55 14.84 2.88
CA GLY B 298 10.33 13.53 3.47
C GLY B 298 11.61 12.98 4.07
N TYR B 299 11.47 12.18 5.13
CA TYR B 299 12.61 11.72 5.91
C TYR B 299 12.54 10.22 6.15
N ASP B 300 13.69 9.67 6.54
CA ASP B 300 13.76 8.27 6.93
C ASP B 300 13.22 8.02 8.34
N ASP B 301 12.99 9.09 9.11
CA ASP B 301 12.57 8.95 10.50
C ASP B 301 11.06 8.78 10.63
N PHE B 302 10.41 8.37 9.55
CA PHE B 302 8.98 8.15 9.46
C PHE B 302 8.17 9.46 9.41
N ASN B 303 8.80 10.60 9.67
CA ASN B 303 8.07 11.85 9.57
C ASN B 303 8.30 12.53 8.22
N CYS B 304 7.39 13.43 7.89
CA CYS B 304 7.59 14.42 6.85
C CYS B 304 7.44 15.80 7.48
N ASN B 305 8.37 16.69 7.19
CA ASN B 305 8.46 17.99 7.85
C ASN B 305 8.16 19.11 6.87
N VAL B 306 7.59 20.19 7.40
CA VAL B 306 7.19 21.35 6.63
C VAL B 306 8.15 22.48 6.99
N TRP B 307 8.85 23.00 5.98
CA TRP B 307 9.85 24.04 6.16
C TRP B 307 9.37 25.34 5.53
N ASP B 308 9.45 26.42 6.30
CA ASP B 308 9.21 27.76 5.77
C ASP B 308 10.34 28.11 4.79
N ALA B 309 10.03 28.11 3.50
CA ALA B 309 11.07 28.13 2.47
C ALA B 309 11.94 29.38 2.54
N LEU B 310 11.47 30.45 3.16
CA LEU B 310 12.25 31.68 3.23
C LEU B 310 12.63 32.08 4.65
N LYS B 311 11.72 31.94 5.61
CA LYS B 311 12.15 32.09 7.00
C LYS B 311 13.09 30.97 7.39
N ALA B 312 13.17 29.91 6.58
CA ALA B 312 14.27 28.96 6.61
C ALA B 312 14.32 28.17 7.91
N ASP B 313 13.17 27.85 8.49
CA ASP B 313 13.13 26.99 9.66
C ASP B 313 11.82 26.20 9.67
N ARG B 314 11.84 25.10 10.41
CA ARG B 314 10.74 24.16 10.42
C ARG B 314 9.49 24.80 11.01
N ALA B 315 8.34 24.48 10.41
CA ALA B 315 7.07 25.09 10.79
C ALA B 315 5.92 24.11 10.94
N GLY B 316 6.13 22.82 10.65
CA GLY B 316 5.06 21.85 10.80
C GLY B 316 5.60 20.46 10.56
N VAL B 317 4.77 19.48 10.91
CA VAL B 317 5.14 18.06 10.80
C VAL B 317 3.96 17.28 10.27
N LEU B 318 4.25 16.31 9.40
CA LEU B 318 3.31 15.29 9.00
C LEU B 318 3.81 13.94 9.52
N ALA B 319 2.91 13.15 10.08
CA ALA B 319 3.30 12.00 10.89
C ALA B 319 2.35 10.85 10.61
N GLY B 320 2.40 9.83 11.46
CA GLY B 320 1.51 8.69 11.39
C GLY B 320 1.98 7.54 10.53
N HIS B 321 3.11 7.67 9.84
CA HIS B 321 3.63 6.55 9.06
C HIS B 321 4.42 5.60 9.95
N ASP B 322 4.33 4.30 9.64
CA ASP B 322 5.13 3.31 10.33
C ASP B 322 6.58 3.30 9.84
N ASN B 323 6.78 3.56 8.55
CA ASN B 323 8.12 3.56 7.95
C ASN B 323 8.45 4.88 7.25
N ARG B 324 9.59 4.90 6.55
CA ARG B 324 10.00 6.10 5.85
C ARG B 324 9.01 6.47 4.76
N VAL B 325 8.86 7.78 4.52
CA VAL B 325 8.03 8.26 3.42
C VAL B 325 8.85 8.25 2.15
N SER B 326 8.32 7.61 1.10
CA SER B 326 9.06 7.46 -0.14
C SER B 326 8.91 8.67 -1.06
N CYS B 327 7.79 9.38 -1.01
CA CYS B 327 7.57 10.50 -1.91
C CYS B 327 6.51 11.42 -1.34
N LEU B 328 6.60 12.69 -1.71
CA LEU B 328 5.80 13.76 -1.08
C LEU B 328 5.21 14.70 -2.13
N GLY B 329 4.56 14.16 -3.16
CA GLY B 329 4.02 15.00 -4.21
C GLY B 329 2.95 15.95 -3.72
N VAL B 330 2.93 17.15 -4.30
CA VAL B 330 1.93 18.18 -4.01
C VAL B 330 1.06 18.36 -5.26
N THR B 331 -0.23 18.60 -5.06
CA THR B 331 -1.13 18.79 -6.20
C THR B 331 -0.77 20.05 -6.97
N ASP B 332 -1.15 20.05 -8.26
CA ASP B 332 -0.83 21.18 -9.13
C ASP B 332 -1.46 22.46 -8.60
N ASP B 333 -2.74 22.41 -8.20
CA ASP B 333 -3.41 23.59 -7.67
C ASP B 333 -3.08 23.84 -6.20
N GLY B 334 -2.32 22.95 -5.56
CA GLY B 334 -1.87 23.17 -4.20
C GLY B 334 -2.83 22.74 -3.12
N MET B 335 -3.99 22.21 -3.47
CA MET B 335 -5.01 21.91 -2.48
C MET B 335 -4.60 20.80 -1.51
N ALA B 336 -3.60 19.99 -1.85
CA ALA B 336 -3.23 18.89 -0.98
C ALA B 336 -1.78 18.49 -1.19
N VAL B 337 -1.25 17.69 -0.26
CA VAL B 337 0.07 17.09 -0.38
C VAL B 337 -0.04 15.61 -0.03
N ALA B 338 0.38 14.74 -0.94
CA ALA B 338 0.40 13.32 -0.70
C ALA B 338 1.74 12.90 -0.11
N THR B 339 1.75 11.74 0.54
CA THR B 339 2.97 11.17 1.09
C THR B 339 2.92 9.66 0.96
N GLY B 340 3.68 9.11 0.01
CA GLY B 340 3.84 7.67 -0.06
C GLY B 340 4.75 7.17 1.04
N SER B 341 4.59 5.91 1.39
CA SER B 341 5.28 5.35 2.56
C SER B 341 5.68 3.91 2.30
N TRP B 342 6.71 3.47 3.01
CA TRP B 342 7.08 2.06 2.98
C TRP B 342 6.13 1.16 3.75
N ASP B 343 5.19 1.71 4.51
CA ASP B 343 4.19 0.90 5.18
C ASP B 343 2.92 0.71 4.35
N SER B 344 2.92 1.18 3.11
CA SER B 344 1.90 0.92 2.09
C SER B 344 0.70 1.88 2.12
N PHE B 345 0.65 2.86 3.02
CA PHE B 345 -0.43 3.83 3.04
C PHE B 345 0.00 5.13 2.37
N LEU B 346 -0.79 5.60 1.41
CA LEU B 346 -0.57 6.89 0.77
C LEU B 346 -1.44 7.92 1.44
N LYS B 347 -0.90 8.57 2.47
CA LYS B 347 -1.67 9.57 3.21
C LYS B 347 -1.81 10.85 2.41
N ILE B 348 -3.04 11.37 2.35
CA ILE B 348 -3.34 12.63 1.67
C ILE B 348 -3.65 13.66 2.76
N TRP B 349 -2.93 14.77 2.72
CA TRP B 349 -3.05 15.79 3.76
C TRP B 349 -3.63 17.07 3.18
N ASN B 350 -4.36 17.79 4.02
CA ASN B 350 -4.76 19.16 3.72
C ASN B 350 -5.07 19.92 4.99
N ALA C 7 42.51 8.16 -23.80
CA ALA C 7 41.24 8.42 -23.07
C ALA C 7 41.34 9.66 -22.18
N SER C 8 42.26 9.60 -21.21
CA SER C 8 42.29 10.62 -20.16
C SER C 8 42.58 12.01 -20.70
N ILE C 9 43.43 12.14 -21.72
CA ILE C 9 43.74 13.45 -22.27
C ILE C 9 42.47 14.09 -22.83
N ALA C 10 41.74 13.34 -23.67
CA ALA C 10 40.51 13.87 -24.27
C ALA C 10 39.45 14.11 -23.20
N GLN C 11 39.35 13.20 -22.23
CA GLN C 11 38.36 13.36 -21.17
C GLN C 11 38.62 14.64 -20.39
N ALA C 12 39.89 14.88 -20.01
CA ALA C 12 40.23 16.08 -19.27
C ALA C 12 40.02 17.33 -20.13
N ARG C 13 40.33 17.26 -21.42
CA ARG C 13 40.08 18.39 -22.29
C ARG C 13 38.59 18.73 -22.30
N LYS C 14 37.75 17.71 -22.42
CA LYS C 14 36.31 17.92 -22.35
C LYS C 14 35.92 18.53 -21.01
N LEU C 15 36.52 18.06 -19.93
CA LEU C 15 36.17 18.57 -18.60
C LEU C 15 36.48 20.07 -18.51
N VAL C 16 37.69 20.46 -18.93
CA VAL C 16 38.06 21.87 -18.83
C VAL C 16 37.21 22.73 -19.76
N GLU C 17 36.91 22.22 -20.96
CA GLU C 17 36.03 22.98 -21.84
C GLU C 17 34.65 23.17 -21.22
N GLN C 18 34.13 22.12 -20.58
CA GLN C 18 32.83 22.21 -19.92
C GLN C 18 32.88 23.23 -18.78
N LEU C 19 33.95 23.17 -17.97
CA LEU C 19 34.12 24.13 -16.88
C LEU C 19 34.20 25.55 -17.41
N LYS C 20 34.88 25.75 -18.54
CA LYS C 20 34.93 27.09 -19.12
C LYS C 20 33.54 27.53 -19.55
N MET C 21 32.81 26.66 -20.25
CA MET C 21 31.46 27.01 -20.67
C MET C 21 30.60 27.42 -19.50
N GLU C 22 30.73 26.72 -18.36
CA GLU C 22 29.94 27.09 -17.19
C GLU C 22 30.44 28.38 -16.57
N ALA C 23 31.75 28.56 -16.48
CA ALA C 23 32.31 29.73 -15.81
C ALA C 23 31.93 31.02 -16.52
N ASN C 24 31.80 30.97 -17.86
CA ASN C 24 31.45 32.15 -18.63
C ASN C 24 29.97 32.48 -18.56
N ILE C 25 29.17 31.69 -17.85
CA ILE C 25 27.74 31.96 -17.72
C ILE C 25 27.52 33.23 -16.90
N ASP C 26 26.41 33.89 -17.18
CA ASP C 26 26.06 35.12 -16.47
C ASP C 26 25.56 34.82 -15.06
N ARG C 27 25.64 35.83 -14.20
CA ARG C 27 25.26 35.71 -12.80
C ARG C 27 24.70 37.03 -12.29
N ILE C 28 23.95 36.95 -11.20
CA ILE C 28 23.41 38.13 -10.52
C ILE C 28 23.78 38.06 -9.04
N LYS C 29 23.84 39.23 -8.41
CA LYS C 29 24.07 39.28 -6.97
C LYS C 29 22.95 38.55 -6.25
N VAL C 30 23.31 37.81 -5.20
CA VAL C 30 22.31 37.01 -4.48
C VAL C 30 21.20 37.90 -3.94
N SER C 31 21.49 39.18 -3.71
CA SER C 31 20.45 40.08 -3.21
C SER C 31 19.26 40.13 -4.16
N LYS C 32 19.51 40.23 -5.47
CA LYS C 32 18.43 40.25 -6.45
C LYS C 32 17.64 38.95 -6.46
N ALA C 33 18.34 37.82 -6.40
CA ALA C 33 17.68 36.53 -6.37
C ALA C 33 16.75 36.45 -5.16
N ALA C 34 17.27 36.77 -3.98
CA ALA C 34 16.44 36.76 -2.78
C ALA C 34 15.27 37.71 -2.92
N ALA C 35 15.51 38.89 -3.49
CA ALA C 35 14.46 39.89 -3.61
C ALA C 35 13.28 39.35 -4.40
N ASP C 36 13.54 38.80 -5.59
CA ASP C 36 12.41 38.39 -6.40
C ASP C 36 11.87 37.01 -6.00
N LEU C 37 12.67 36.17 -5.34
CA LEU C 37 12.08 35.00 -4.69
C LEU C 37 11.06 35.41 -3.63
N MET C 38 11.44 36.37 -2.78
CA MET C 38 10.50 36.92 -1.80
C MET C 38 9.25 37.47 -2.47
N ALA C 39 9.43 38.27 -3.53
CA ALA C 39 8.28 38.86 -4.20
C ALA C 39 7.36 37.77 -4.75
N TYR C 40 7.94 36.73 -5.33
CA TYR C 40 7.12 35.64 -5.87
C TYR C 40 6.32 34.96 -4.78
N CYS C 41 6.98 34.60 -3.67
CA CYS C 41 6.25 33.89 -2.62
C CYS C 41 5.13 34.74 -2.04
N GLU C 42 5.36 36.05 -1.86
CA GLU C 42 4.29 36.87 -1.33
C GLU C 42 3.18 37.05 -2.36
N ALA C 43 3.52 37.11 -3.64
CA ALA C 43 2.53 37.43 -4.67
C ALA C 43 1.47 36.36 -4.83
N HIS C 44 1.72 35.14 -4.34
CA HIS C 44 0.74 34.05 -4.44
C HIS C 44 0.30 33.54 -3.08
N ALA C 45 0.39 34.37 -2.04
CA ALA C 45 0.02 33.92 -0.70
C ALA C 45 -1.46 33.61 -0.58
N LYS C 46 -2.29 34.16 -1.46
CA LYS C 46 -3.73 33.87 -1.43
C LYS C 46 -4.08 32.67 -2.28
N GLU C 47 -3.40 32.47 -3.41
CA GLU C 47 -3.71 31.37 -4.31
C GLU C 47 -3.22 30.04 -3.75
N ASP C 48 -2.16 30.07 -2.95
CA ASP C 48 -1.67 28.86 -2.31
C ASP C 48 -2.51 28.54 -1.07
N PRO C 49 -3.13 27.36 -1.00
CA PRO C 49 -4.06 27.09 0.10
C PRO C 49 -3.45 26.46 1.34
N LEU C 50 -2.31 25.78 1.23
CA LEU C 50 -1.80 25.03 2.37
C LEU C 50 -1.40 25.95 3.52
N LEU C 51 -0.79 27.10 3.21
CA LEU C 51 -0.45 28.06 4.25
C LEU C 51 -1.60 29.00 4.59
N THR C 52 -2.82 28.64 4.21
CA THR C 52 -4.03 29.33 4.67
C THR C 52 -5.05 28.25 5.00
N PRO C 53 -5.04 27.72 6.24
CA PRO C 53 -5.84 26.53 6.54
C PRO C 53 -7.26 26.62 6.00
N VAL C 54 -7.60 25.66 5.14
CA VAL C 54 -8.69 25.80 4.18
C VAL C 54 -10.05 25.59 4.85
N PRO C 55 -11.05 26.42 4.55
CA PRO C 55 -12.40 26.16 5.06
C PRO C 55 -13.01 24.93 4.42
N ALA C 56 -13.88 24.25 5.17
CA ALA C 56 -14.43 22.98 4.72
C ALA C 56 -15.25 23.10 3.45
N SER C 57 -15.79 24.28 3.16
CA SER C 57 -16.54 24.46 1.92
C SER C 57 -15.62 24.44 0.71
N GLU C 58 -14.42 25.01 0.87
CA GLU C 58 -13.47 25.06 -0.24
C GLU C 58 -12.72 23.74 -0.37
N ASN C 59 -12.38 23.12 0.74
CA ASN C 59 -11.59 21.90 0.78
C ASN C 59 -12.38 20.72 0.21
N PRO C 60 -11.91 20.05 -0.87
CA PRO C 60 -12.66 18.96 -1.48
C PRO C 60 -12.39 17.61 -0.83
N PHE C 61 -11.46 17.56 0.13
CA PHE C 61 -11.22 16.33 0.87
C PHE C 61 -12.00 16.25 2.17
N ARG C 62 -12.60 17.35 2.61
CA ARG C 62 -13.30 17.41 3.89
C ARG C 62 -14.26 16.24 4.05
N ASP D 1 -9.95 -4.86 -33.86
CA ASP D 1 -10.92 -3.75 -33.63
C ASP D 1 -11.90 -4.08 -32.50
N VAL D 2 -12.32 -3.05 -31.78
CA VAL D 2 -13.40 -3.22 -30.81
C VAL D 2 -14.67 -3.60 -31.55
N GLN D 3 -15.38 -4.60 -31.04
CA GLN D 3 -16.50 -5.17 -31.78
C GLN D 3 -17.54 -5.76 -30.83
N LEU D 4 -18.81 -5.57 -31.18
CA LEU D 4 -19.94 -6.19 -30.52
C LEU D 4 -20.87 -6.78 -31.57
N VAL D 5 -21.39 -7.98 -31.29
CA VAL D 5 -22.35 -8.62 -32.17
C VAL D 5 -23.39 -9.31 -31.30
N GLU D 6 -24.61 -8.79 -31.29
CA GLU D 6 -25.73 -9.48 -30.69
C GLU D 6 -26.40 -10.40 -31.71
N SER D 7 -27.04 -11.46 -31.21
CA SER D 7 -27.60 -12.49 -32.07
C SER D 7 -28.67 -13.26 -31.30
N GLY D 8 -29.46 -14.02 -32.04
CA GLY D 8 -30.47 -14.88 -31.47
C GLY D 8 -31.90 -14.42 -31.63
N GLY D 9 -32.13 -13.19 -32.09
CA GLY D 9 -33.48 -12.71 -32.25
C GLY D 9 -34.21 -13.34 -33.41
N GLY D 10 -35.54 -13.25 -33.37
CA GLY D 10 -36.34 -13.80 -34.44
C GLY D 10 -37.82 -13.59 -34.19
N LEU D 11 -38.63 -14.33 -34.94
CA LEU D 11 -40.08 -14.24 -34.83
C LEU D 11 -40.59 -15.08 -33.66
N VAL D 12 -41.51 -14.51 -32.89
CA VAL D 12 -42.05 -15.17 -31.70
C VAL D 12 -43.56 -14.92 -31.65
N GLN D 13 -44.29 -15.93 -31.19
CA GLN D 13 -45.71 -15.74 -30.92
C GLN D 13 -45.90 -15.00 -29.60
N PRO D 14 -47.01 -14.26 -29.44
CA PRO D 14 -47.26 -13.57 -28.17
C PRO D 14 -47.26 -14.56 -27.01
N GLY D 15 -46.69 -14.13 -25.88
CA GLY D 15 -46.55 -14.99 -24.72
C GLY D 15 -45.37 -15.93 -24.78
N GLY D 16 -44.54 -15.87 -25.82
CA GLY D 16 -43.42 -16.76 -25.96
C GLY D 16 -42.23 -16.36 -25.10
N SER D 17 -41.18 -17.18 -25.21
CA SER D 17 -39.94 -16.96 -24.47
C SER D 17 -38.76 -17.23 -25.39
N ARG D 18 -37.66 -16.53 -25.14
CA ARG D 18 -36.49 -16.60 -26.00
C ARG D 18 -35.28 -16.07 -25.27
N LYS D 19 -34.09 -16.42 -25.77
CA LYS D 19 -32.82 -15.90 -25.28
C LYS D 19 -32.17 -15.04 -26.35
N LEU D 20 -31.93 -13.78 -26.02
CA LEU D 20 -31.04 -12.94 -26.83
C LEU D 20 -29.61 -13.07 -26.33
N SER D 21 -28.65 -12.82 -27.23
CA SER D 21 -27.24 -12.98 -26.92
C SER D 21 -26.44 -11.79 -27.41
N CYS D 22 -25.36 -11.49 -26.71
CA CYS D 22 -24.40 -10.47 -27.11
C CYS D 22 -23.00 -11.08 -27.05
N SER D 23 -22.21 -10.79 -28.08
CA SER D 23 -20.83 -11.27 -28.18
C SER D 23 -19.89 -10.09 -28.33
N ALA D 24 -18.69 -10.24 -27.77
CA ALA D 24 -17.73 -9.15 -27.72
C ALA D 24 -16.34 -9.65 -28.05
N SER D 25 -15.52 -8.76 -28.58
CA SER D 25 -14.11 -9.05 -28.83
C SER D 25 -13.36 -7.73 -28.94
N GLY D 26 -12.04 -7.80 -28.78
CA GLY D 26 -11.20 -6.64 -28.89
C GLY D 26 -11.16 -5.74 -27.67
N PHE D 27 -11.84 -6.11 -26.59
CA PHE D 27 -11.84 -5.30 -25.37
C PHE D 27 -12.06 -6.20 -24.17
N ALA D 28 -11.59 -5.72 -23.01
CA ALA D 28 -11.56 -6.50 -21.77
C ALA D 28 -12.98 -6.62 -21.21
N PHE D 29 -13.73 -7.54 -21.82
CA PHE D 29 -15.17 -7.63 -21.57
C PHE D 29 -15.50 -7.68 -20.08
N SER D 30 -14.75 -8.48 -19.32
CA SER D 30 -15.13 -8.71 -17.92
C SER D 30 -15.00 -7.47 -17.04
N SER D 31 -14.32 -6.42 -17.51
CA SER D 31 -14.24 -5.17 -16.78
C SER D 31 -15.27 -4.14 -17.22
N PHE D 32 -16.05 -4.43 -18.26
CA PHE D 32 -17.09 -3.52 -18.76
C PHE D 32 -18.46 -3.88 -18.20
N GLY D 33 -19.24 -2.85 -17.88
CA GLY D 33 -20.66 -3.05 -17.68
C GLY D 33 -21.37 -3.10 -19.02
N MET D 34 -22.30 -4.04 -19.14
CA MET D 34 -23.03 -4.27 -20.38
C MET D 34 -24.48 -3.89 -20.21
N HIS D 35 -24.99 -3.06 -21.11
CA HIS D 35 -26.38 -2.63 -21.13
C HIS D 35 -27.10 -3.28 -22.30
N TRP D 36 -28.42 -3.27 -22.22
CA TRP D 36 -29.28 -3.50 -23.38
C TRP D 36 -30.18 -2.31 -23.62
N VAL D 37 -30.23 -1.85 -24.86
CA VAL D 37 -31.06 -0.74 -25.28
C VAL D 37 -31.83 -1.17 -26.52
N ARG D 38 -33.11 -0.83 -26.59
CA ARG D 38 -33.97 -1.30 -27.66
C ARG D 38 -34.70 -0.12 -28.31
N GLN D 39 -35.18 -0.37 -29.52
CA GLN D 39 -35.77 0.66 -30.37
C GLN D 39 -36.95 0.05 -31.11
N ALA D 40 -38.15 0.56 -30.84
CA ALA D 40 -39.31 0.14 -31.60
C ALA D 40 -39.18 0.63 -33.04
N PRO D 41 -39.81 -0.05 -34.00
CA PRO D 41 -39.60 0.32 -35.42
C PRO D 41 -39.96 1.75 -35.73
N GLU D 42 -40.82 2.39 -34.94
CA GLU D 42 -41.27 3.76 -35.23
C GLU D 42 -41.28 4.60 -33.96
N LYS D 43 -40.22 4.51 -33.16
CA LYS D 43 -40.15 5.23 -31.91
C LYS D 43 -38.70 5.47 -31.52
N GLY D 44 -38.51 6.30 -30.50
CA GLY D 44 -37.19 6.51 -29.94
C GLY D 44 -36.71 5.34 -29.11
N LEU D 45 -35.47 5.45 -28.65
CA LEU D 45 -34.85 4.38 -27.88
C LEU D 45 -35.53 4.23 -26.51
N GLU D 46 -35.35 3.04 -25.93
CA GLU D 46 -35.79 2.76 -24.57
C GLU D 46 -34.76 1.86 -23.90
N TRP D 47 -34.42 2.18 -22.65
CA TRP D 47 -33.47 1.35 -21.91
C TRP D 47 -34.14 0.06 -21.46
N VAL D 48 -33.35 -1.01 -21.36
CA VAL D 48 -33.89 -2.33 -21.09
C VAL D 48 -33.30 -2.92 -19.81
N ALA D 49 -31.98 -3.08 -19.76
CA ALA D 49 -31.36 -3.78 -18.65
C ALA D 49 -29.90 -3.41 -18.54
N TYR D 50 -29.34 -3.63 -17.35
CA TYR D 50 -27.95 -3.32 -17.05
C TYR D 50 -27.40 -4.43 -16.17
N ILE D 51 -26.18 -4.88 -16.48
CA ILE D 51 -25.43 -5.77 -15.62
C ILE D 51 -24.03 -5.19 -15.44
N SER D 52 -23.63 -5.00 -14.20
CA SER D 52 -22.38 -4.31 -13.91
C SER D 52 -21.18 -5.25 -14.07
N SER D 53 -19.99 -4.67 -14.02
CA SER D 53 -18.77 -5.44 -14.08
C SER D 53 -18.70 -6.37 -12.88
N GLY D 54 -18.26 -7.60 -13.11
CA GLY D 54 -18.19 -8.59 -12.06
C GLY D 54 -19.56 -9.01 -11.57
N SER D 55 -20.60 -8.65 -12.31
CA SER D 55 -21.97 -9.00 -11.99
C SER D 55 -22.39 -8.48 -10.62
N GLY D 56 -21.77 -7.39 -10.17
CA GLY D 56 -22.05 -6.89 -8.83
C GLY D 56 -23.50 -6.46 -8.64
N THR D 57 -24.11 -5.88 -9.67
CA THR D 57 -25.49 -5.47 -9.59
C THR D 57 -26.14 -5.63 -10.96
N ILE D 58 -27.47 -5.66 -10.94
CA ILE D 58 -28.28 -5.77 -12.14
C ILE D 58 -29.51 -4.88 -11.93
N TYR D 59 -30.00 -4.32 -13.04
CA TYR D 59 -31.21 -3.50 -13.01
C TYR D 59 -32.06 -3.88 -14.21
N TYR D 60 -33.32 -3.45 -14.18
CA TYR D 60 -34.22 -3.60 -15.30
C TYR D 60 -35.15 -2.40 -15.38
N ALA D 61 -35.73 -2.21 -16.56
CA ALA D 61 -36.72 -1.16 -16.76
C ALA D 61 -38.04 -1.55 -16.12
N ASP D 62 -38.83 -0.53 -15.75
CA ASP D 62 -40.05 -0.78 -14.99
C ASP D 62 -41.03 -1.66 -15.76
N THR D 63 -41.02 -1.59 -17.09
CA THR D 63 -41.90 -2.41 -17.90
C THR D 63 -41.28 -3.75 -18.28
N VAL D 64 -40.13 -4.07 -17.71
CA VAL D 64 -39.37 -5.25 -18.12
C VAL D 64 -39.09 -6.16 -16.92
N LYS D 65 -39.13 -5.60 -15.72
CA LYS D 65 -38.60 -6.28 -14.55
C LYS D 65 -39.18 -7.68 -14.41
N GLY D 66 -38.28 -8.64 -14.19
CA GLY D 66 -38.66 -10.03 -13.96
C GLY D 66 -38.96 -10.82 -15.22
N ARG D 67 -39.71 -10.22 -16.14
CA ARG D 67 -40.01 -10.92 -17.39
C ARG D 67 -38.74 -11.18 -18.19
N PHE D 68 -37.84 -10.20 -18.23
CA PHE D 68 -36.52 -10.39 -18.82
C PHE D 68 -35.50 -10.63 -17.72
N THR D 69 -34.34 -11.16 -18.10
CA THR D 69 -33.25 -11.33 -17.16
C THR D 69 -31.94 -11.34 -17.95
N ILE D 70 -30.89 -10.79 -17.34
CA ILE D 70 -29.62 -10.57 -18.01
C ILE D 70 -28.51 -11.30 -17.26
N SER D 71 -27.52 -11.77 -18.02
CA SER D 71 -26.34 -12.40 -17.45
C SER D 71 -25.19 -12.20 -18.43
N ARG D 72 -23.97 -12.32 -17.90
CA ARG D 72 -22.78 -12.13 -18.71
C ARG D 72 -22.02 -13.45 -18.90
N LYS D 76 -15.87 -14.68 -20.45
CA LYS D 76 -16.23 -15.51 -21.58
C LYS D 76 -16.62 -14.66 -22.80
N ASN D 77 -16.56 -13.33 -22.65
CA ASN D 77 -16.82 -12.40 -23.75
C ASN D 77 -18.20 -12.59 -24.36
N THR D 78 -19.22 -12.83 -23.55
CA THR D 78 -20.58 -12.91 -24.05
C THR D 78 -21.57 -12.60 -22.94
N LEU D 79 -22.76 -12.16 -23.35
CA LEU D 79 -23.86 -11.86 -22.44
C LEU D 79 -25.16 -12.42 -23.01
N PHE D 80 -26.13 -12.63 -22.13
CA PHE D 80 -27.41 -13.21 -22.51
C PHE D 80 -28.54 -12.41 -21.89
N LEU D 81 -29.68 -12.39 -22.59
CA LEU D 81 -30.88 -11.68 -22.15
C LEU D 81 -32.06 -12.62 -22.20
N GLN D 82 -32.42 -13.18 -21.05
CA GLN D 82 -33.61 -14.02 -20.95
C GLN D 82 -34.86 -13.20 -21.20
N MET D 83 -35.87 -13.82 -21.83
CA MET D 83 -37.13 -13.15 -22.10
C MET D 83 -38.28 -14.12 -21.86
N THR D 84 -39.39 -13.61 -21.32
CA THR D 84 -40.54 -14.42 -20.98
C THR D 84 -41.81 -13.63 -21.24
N SER D 85 -42.89 -14.35 -21.58
CA SER D 85 -44.21 -13.75 -21.78
C SER D 85 -44.16 -12.62 -22.80
N LEU D 86 -43.42 -12.83 -23.89
CA LEU D 86 -43.13 -11.76 -24.83
C LEU D 86 -44.39 -11.07 -25.32
N ARG D 87 -44.39 -9.74 -25.24
CA ARG D 87 -45.53 -8.90 -25.56
C ARG D 87 -45.44 -8.43 -27.01
N SER D 88 -46.57 -7.93 -27.52
CA SER D 88 -46.54 -7.26 -28.81
C SER D 88 -45.58 -6.08 -28.81
N GLU D 89 -45.59 -5.30 -27.73
CA GLU D 89 -44.73 -4.13 -27.62
C GLU D 89 -43.26 -4.49 -27.50
N ASP D 90 -42.92 -5.74 -27.19
CA ASP D 90 -41.52 -6.13 -27.13
C ASP D 90 -40.87 -6.18 -28.51
N THR D 91 -41.65 -6.08 -29.58
CA THR D 91 -41.09 -6.00 -30.92
C THR D 91 -40.18 -4.79 -31.02
N ALA D 92 -38.89 -5.04 -31.32
CA ALA D 92 -37.94 -3.94 -31.39
C ALA D 92 -36.62 -4.44 -31.94
N MET D 93 -35.79 -3.49 -32.36
CA MET D 93 -34.37 -3.75 -32.61
C MET D 93 -33.61 -3.56 -31.31
N TYR D 94 -32.87 -4.59 -30.90
CA TYR D 94 -32.17 -4.61 -29.62
C TYR D 94 -30.68 -4.39 -29.86
N TYR D 95 -30.10 -3.43 -29.12
CA TYR D 95 -28.69 -3.10 -29.22
C TYR D 95 -27.94 -3.50 -27.96
N CYS D 96 -26.81 -4.15 -28.12
CA CYS D 96 -25.88 -4.38 -27.03
C CYS D 96 -24.98 -3.18 -26.86
N VAL D 97 -24.82 -2.71 -25.62
CA VAL D 97 -24.09 -1.47 -25.34
C VAL D 97 -23.12 -1.72 -24.19
N ARG D 98 -21.88 -1.29 -24.37
CA ARG D 98 -20.87 -1.43 -23.33
C ARG D 98 -20.74 -0.12 -22.54
N SER D 99 -20.24 -0.25 -21.31
CA SER D 99 -20.06 0.93 -20.46
C SER D 99 -19.13 0.56 -19.32
N ILE D 100 -17.97 1.22 -19.25
CA ILE D 100 -17.04 1.06 -18.14
C ILE D 100 -17.06 2.33 -17.32
N TYR D 101 -17.17 2.19 -16.00
CA TYR D 101 -17.45 3.31 -15.10
C TYR D 101 -16.27 3.59 -14.21
N TYR D 102 -15.75 4.82 -14.29
CA TYR D 102 -14.74 5.34 -13.39
C TYR D 102 -14.57 6.81 -13.71
N TYR D 103 -13.84 7.53 -12.87
CA TYR D 103 -13.69 8.95 -13.06
C TYR D 103 -13.08 9.24 -14.43
N GLY D 104 -13.78 10.07 -15.21
CA GLY D 104 -13.37 10.37 -16.56
C GLY D 104 -13.72 9.33 -17.59
N SER D 105 -14.39 8.25 -17.21
CA SER D 105 -14.74 7.21 -18.15
C SER D 105 -15.81 7.70 -19.12
N SER D 106 -16.01 6.92 -20.20
CA SER D 106 -16.90 7.29 -21.30
C SER D 106 -17.92 6.18 -21.53
N PRO D 107 -18.98 6.11 -20.72
CA PRO D 107 -19.97 5.05 -20.88
C PRO D 107 -20.67 5.11 -22.24
N PHE D 108 -21.22 3.97 -22.65
CA PHE D 108 -21.96 3.84 -23.91
C PHE D 108 -21.11 4.15 -25.13
N ASP D 109 -19.79 4.00 -25.04
CA ASP D 109 -18.93 4.42 -26.13
C ASP D 109 -18.97 3.46 -27.33
N PHE D 110 -19.64 2.32 -27.24
CA PHE D 110 -19.73 1.42 -28.38
C PHE D 110 -21.05 0.66 -28.39
N TRP D 111 -21.73 0.68 -29.52
CA TRP D 111 -23.01 0.03 -29.72
C TRP D 111 -22.88 -1.07 -30.77
N GLY D 112 -23.58 -2.18 -30.52
CA GLY D 112 -23.56 -3.29 -31.46
C GLY D 112 -24.34 -3.01 -32.72
N GLN D 113 -24.27 -3.96 -33.65
CA GLN D 113 -25.04 -3.85 -34.89
C GLN D 113 -26.53 -3.87 -34.62
N GLY D 114 -26.99 -4.74 -33.72
CA GLY D 114 -28.39 -4.79 -33.34
C GLY D 114 -29.15 -5.96 -33.93
N THR D 115 -30.00 -6.59 -33.12
CA THR D 115 -30.85 -7.68 -33.54
C THR D 115 -32.31 -7.25 -33.52
N THR D 116 -33.02 -7.54 -34.61
CA THR D 116 -34.48 -7.44 -34.59
C THR D 116 -35.09 -8.64 -33.88
N LEU D 117 -36.08 -8.39 -33.05
CA LEU D 117 -36.96 -9.42 -32.53
C LEU D 117 -38.38 -8.96 -32.74
N THR D 118 -39.22 -9.84 -33.28
CA THR D 118 -40.57 -9.50 -33.69
C THR D 118 -41.56 -10.44 -33.03
N VAL D 119 -42.57 -9.88 -32.39
CA VAL D 119 -43.65 -10.64 -31.76
C VAL D 119 -44.89 -10.48 -32.61
N SER D 120 -45.44 -11.59 -33.08
CA SER D 120 -46.57 -11.57 -34.02
C SER D 120 -47.74 -10.78 -33.47
N GLY D 135 -44.35 6.49 -13.22
CA GLY D 135 -44.30 7.94 -13.23
C GLY D 135 -43.20 8.50 -12.36
N SER D 136 -42.61 7.65 -11.51
CA SER D 136 -41.50 8.07 -10.66
C SER D 136 -40.19 8.20 -11.43
N ASP D 137 -40.15 7.73 -12.67
CA ASP D 137 -38.92 7.78 -13.46
C ASP D 137 -38.52 9.22 -13.76
N ILE D 138 -37.24 9.41 -14.03
CA ILE D 138 -36.80 10.62 -14.73
C ILE D 138 -37.14 10.46 -16.21
N VAL D 139 -37.83 11.44 -16.77
CA VAL D 139 -38.34 11.33 -18.13
C VAL D 139 -37.82 12.49 -18.96
N MET D 140 -37.63 12.22 -20.25
CA MET D 140 -37.01 13.12 -21.20
C MET D 140 -38.03 13.56 -22.24
N THR D 141 -37.86 14.78 -22.74
CA THR D 141 -38.70 15.26 -23.83
C THR D 141 -37.89 16.25 -24.67
N GLN D 142 -38.35 16.45 -25.90
CA GLN D 142 -37.71 17.37 -26.83
C GLN D 142 -38.78 18.23 -27.49
N ALA D 143 -38.49 19.53 -27.63
CA ALA D 143 -39.41 20.48 -28.23
C ALA D 143 -39.39 20.42 -29.76
N THR D 144 -38.80 19.38 -30.35
CA THR D 144 -38.65 19.30 -31.79
C THR D 144 -38.59 17.83 -32.18
N SER D 145 -38.96 17.56 -33.44
CA SER D 145 -38.88 16.21 -33.99
C SER D 145 -38.17 16.13 -35.33
N SER D 146 -38.06 17.24 -36.08
CA SER D 146 -37.35 17.24 -37.35
C SER D 146 -36.85 18.65 -37.62
N VAL D 147 -35.74 18.74 -38.35
CA VAL D 147 -35.07 20.02 -38.61
C VAL D 147 -34.40 20.00 -39.97
N PRO D 148 -34.65 20.99 -40.84
CA PRO D 148 -33.91 21.08 -42.10
C PRO D 148 -32.50 21.64 -41.86
N VAL D 149 -31.52 21.03 -42.52
CA VAL D 149 -30.12 21.47 -42.45
C VAL D 149 -29.46 21.23 -43.79
N THR D 150 -28.36 21.97 -44.03
CA THR D 150 -27.61 21.86 -45.27
C THR D 150 -26.11 21.88 -44.97
N PRO D 151 -25.30 21.16 -45.76
CA PRO D 151 -23.86 21.14 -45.51
C PRO D 151 -23.25 22.53 -45.58
N GLY D 152 -22.20 22.72 -44.78
CA GLY D 152 -21.55 24.02 -44.67
C GLY D 152 -22.27 24.94 -43.71
N GLU D 153 -23.56 24.71 -43.51
CA GLU D 153 -24.33 25.47 -42.54
C GLU D 153 -24.09 24.94 -41.14
N SER D 154 -24.68 25.62 -40.16
CA SER D 154 -24.59 25.25 -38.76
C SER D 154 -25.99 25.06 -38.19
N VAL D 155 -26.12 24.13 -37.25
CA VAL D 155 -27.42 23.70 -36.74
C VAL D 155 -27.34 23.51 -35.23
N SER D 156 -28.51 23.30 -34.63
CA SER D 156 -28.63 23.14 -33.19
C SER D 156 -29.79 22.23 -32.86
N ILE D 157 -29.75 21.66 -31.66
CA ILE D 157 -30.83 20.83 -31.12
C ILE D 157 -30.89 21.03 -29.61
N SER D 158 -31.99 20.59 -29.00
CA SER D 158 -32.21 20.80 -27.58
C SER D 158 -32.92 19.61 -26.96
N CYS D 159 -32.81 19.51 -25.63
CA CYS D 159 -33.40 18.41 -24.87
C CYS D 159 -33.75 18.93 -23.48
N ARG D 160 -34.76 18.33 -22.86
CA ARG D 160 -35.32 18.84 -21.62
C ARG D 160 -35.68 17.70 -20.67
N SER D 161 -35.58 17.98 -19.37
CA SER D 161 -35.61 16.95 -18.33
C SER D 161 -36.68 17.26 -17.30
N SER D 162 -37.26 16.19 -16.74
CA SER D 162 -38.18 16.31 -15.61
C SER D 162 -37.47 16.54 -14.29
N LYS D 163 -36.16 16.30 -14.23
CA LYS D 163 -35.37 16.54 -13.02
C LYS D 163 -34.02 17.11 -13.43
N SER D 164 -33.45 17.94 -12.57
CA SER D 164 -32.14 18.51 -12.84
C SER D 164 -31.09 17.40 -12.73
N LEU D 165 -30.33 17.21 -13.81
CA LEU D 165 -29.40 16.10 -13.93
C LEU D 165 -28.05 16.37 -13.31
N LEU D 166 -27.89 17.45 -12.54
CA LEU D 166 -26.66 17.74 -11.83
C LEU D 166 -26.63 16.91 -10.54
N HIS D 167 -25.74 15.93 -10.48
CA HIS D 167 -25.55 15.17 -9.26
C HIS D 167 -24.75 16.03 -8.27
N SER D 168 -24.74 15.62 -7.00
CA SER D 168 -24.11 16.43 -5.97
C SER D 168 -22.62 16.63 -6.22
N ASN D 169 -21.99 15.80 -7.05
CA ASN D 169 -20.57 15.92 -7.32
C ASN D 169 -20.24 16.98 -8.37
N GLY D 170 -21.24 17.60 -8.98
CA GLY D 170 -21.03 18.68 -9.93
C GLY D 170 -21.03 18.28 -11.39
N ASN D 171 -21.08 16.99 -11.70
CA ASN D 171 -21.26 16.56 -13.09
C ASN D 171 -22.73 16.55 -13.48
N THR D 172 -23.01 16.97 -14.70
CA THR D 172 -24.33 16.84 -15.30
C THR D 172 -24.32 15.63 -16.22
N TYR D 173 -25.24 14.69 -15.96
CA TYR D 173 -25.18 13.34 -16.51
C TYR D 173 -25.98 13.15 -17.78
N LEU D 174 -26.13 14.18 -18.60
CA LEU D 174 -26.75 14.01 -19.91
C LEU D 174 -25.77 13.35 -20.87
N TYR D 175 -26.31 12.55 -21.79
CA TYR D 175 -25.55 11.90 -22.84
C TYR D 175 -26.26 12.13 -24.18
N TRP D 176 -25.49 12.41 -25.22
CA TRP D 176 -26.01 12.68 -26.56
C TRP D 176 -25.54 11.58 -27.50
N PHE D 177 -26.48 10.98 -28.23
CA PHE D 177 -26.18 9.92 -29.19
C PHE D 177 -26.71 10.28 -30.56
N LEU D 178 -25.95 9.91 -31.59
CA LEU D 178 -26.34 10.08 -32.99
C LEU D 178 -26.62 8.71 -33.59
N GLN D 179 -27.82 8.54 -34.15
CA GLN D 179 -28.14 7.36 -34.94
C GLN D 179 -28.19 7.78 -36.41
N ARG D 180 -27.09 7.55 -37.12
CA ARG D 180 -27.09 7.75 -38.56
C ARG D 180 -28.07 6.75 -39.19
N PRO D 181 -28.78 7.14 -40.24
CA PRO D 181 -29.87 6.30 -40.75
C PRO D 181 -29.39 4.89 -41.06
N GLY D 182 -30.13 3.90 -40.55
CA GLY D 182 -29.90 2.52 -40.93
C GLY D 182 -28.68 1.86 -40.32
N GLN D 183 -28.16 2.36 -39.21
CA GLN D 183 -26.99 1.75 -38.59
C GLN D 183 -26.95 2.04 -37.11
N SER D 184 -25.95 1.47 -36.45
CA SER D 184 -25.83 1.56 -35.01
C SER D 184 -25.62 3.01 -34.58
N PRO D 185 -26.15 3.41 -33.42
CA PRO D 185 -25.83 4.74 -32.89
C PRO D 185 -24.35 4.87 -32.55
N GLN D 186 -23.96 6.09 -32.20
CA GLN D 186 -22.63 6.38 -31.70
C GLN D 186 -22.72 7.45 -30.64
N LEU D 187 -21.78 7.44 -29.70
CA LEU D 187 -21.73 8.44 -28.65
C LEU D 187 -21.15 9.74 -29.20
N LEU D 188 -21.91 10.83 -29.05
CA LEU D 188 -21.43 12.14 -29.48
C LEU D 188 -20.80 12.90 -28.32
N ILE D 189 -21.56 13.11 -27.25
CA ILE D 189 -21.09 13.86 -26.09
C ILE D 189 -21.59 13.15 -24.83
N TYR D 190 -20.71 13.02 -23.84
CA TYR D 190 -21.03 12.34 -22.60
C TYR D 190 -20.86 13.25 -21.39
N ARG D 191 -21.67 13.00 -20.37
CA ARG D 191 -21.83 13.91 -19.23
C ARG D 191 -21.85 15.36 -19.70
N MET D 192 -22.69 15.61 -20.68
CA MET D 192 -23.21 16.91 -21.10
C MET D 192 -22.12 17.89 -21.57
N SER D 193 -20.85 17.53 -21.52
CA SER D 193 -19.85 18.42 -22.12
C SER D 193 -18.77 17.70 -22.90
N ASN D 194 -18.43 16.48 -22.50
CA ASN D 194 -17.20 15.86 -23.00
C ASN D 194 -17.45 15.21 -24.35
N LEU D 195 -16.61 15.56 -25.32
CA LEU D 195 -16.72 15.02 -26.67
C LEU D 195 -16.08 13.63 -26.71
N ALA D 196 -16.83 12.65 -27.22
CA ALA D 196 -16.33 11.28 -27.26
C ALA D 196 -15.23 11.15 -28.30
N SER D 197 -14.37 10.16 -28.08
CA SER D 197 -13.23 9.95 -28.97
C SER D 197 -13.70 9.58 -30.37
N GLY D 198 -12.97 10.07 -31.37
CA GLY D 198 -13.30 9.82 -32.76
C GLY D 198 -14.43 10.67 -33.31
N VAL D 199 -15.12 11.42 -32.48
CA VAL D 199 -16.19 12.31 -32.96
C VAL D 199 -15.56 13.52 -33.64
N PRO D 200 -15.99 13.89 -34.85
CA PRO D 200 -15.44 15.11 -35.46
C PRO D 200 -15.65 16.32 -34.57
N ASP D 201 -14.66 17.21 -34.56
CA ASP D 201 -14.71 18.39 -33.71
C ASP D 201 -15.79 19.38 -34.10
N ARG D 202 -16.58 19.09 -35.14
CA ARG D 202 -17.66 20.00 -35.51
C ARG D 202 -18.73 20.10 -34.43
N PHE D 203 -18.83 19.11 -33.54
CA PHE D 203 -19.88 19.08 -32.53
C PHE D 203 -19.49 19.91 -31.31
N SER D 204 -20.51 20.29 -30.55
CA SER D 204 -20.34 20.91 -29.25
C SER D 204 -21.66 20.78 -28.50
N GLY D 205 -21.62 20.96 -27.18
CA GLY D 205 -22.80 20.78 -26.37
C GLY D 205 -22.77 21.64 -25.12
N SER D 206 -23.92 21.70 -24.46
CA SER D 206 -24.06 22.48 -23.24
C SER D 206 -25.19 21.90 -22.40
N GLY D 207 -25.17 22.23 -21.10
CA GLY D 207 -26.19 21.77 -20.19
C GLY D 207 -26.50 22.78 -19.11
N SER D 208 -27.78 22.91 -18.75
CA SER D 208 -28.23 23.94 -17.82
C SER D 208 -29.19 23.34 -16.78
N GLY D 209 -28.81 22.21 -16.21
CA GLY D 209 -29.62 21.58 -15.17
C GLY D 209 -30.73 20.70 -15.71
N THR D 210 -31.80 21.31 -16.22
CA THR D 210 -32.89 20.55 -16.82
C THR D 210 -32.88 20.61 -18.34
N ALA D 211 -32.34 21.68 -18.92
CA ALA D 211 -32.36 21.91 -20.36
C ALA D 211 -30.96 21.79 -20.93
N PHE D 212 -30.86 21.17 -22.11
CA PHE D 212 -29.58 20.82 -22.69
C PHE D 212 -29.64 21.05 -24.20
N THR D 213 -28.48 21.29 -24.81
CA THR D 213 -28.40 21.52 -26.25
C THR D 213 -27.14 20.88 -26.81
N LEU D 214 -27.20 20.57 -28.10
CA LEU D 214 -26.04 20.12 -28.87
C LEU D 214 -26.00 20.92 -30.17
N THR D 215 -24.81 21.30 -30.61
CA THR D 215 -24.65 22.20 -31.73
C THR D 215 -23.61 21.67 -32.71
N ILE D 216 -23.87 21.87 -33.99
CA ILE D 216 -22.97 21.45 -35.07
C ILE D 216 -22.59 22.69 -35.86
N SER D 217 -21.29 22.94 -35.97
CA SER D 217 -20.77 24.03 -36.79
C SER D 217 -20.16 23.44 -38.06
N ARG D 218 -20.48 24.05 -39.20
CA ARG D 218 -19.99 23.59 -40.50
C ARG D 218 -20.36 22.13 -40.73
N LEU D 219 -21.66 21.89 -40.82
CA LEU D 219 -22.19 20.54 -41.02
C LEU D 219 -21.59 19.89 -42.25
N GLU D 220 -21.45 18.56 -42.17
CA GLU D 220 -21.17 17.72 -43.32
C GLU D 220 -22.20 16.60 -43.36
N ALA D 221 -22.39 16.01 -44.54
CA ALA D 221 -23.44 15.02 -44.73
C ALA D 221 -23.28 13.83 -43.79
N GLU D 222 -22.07 13.59 -43.28
CA GLU D 222 -21.86 12.49 -42.35
C GLU D 222 -22.64 12.65 -41.06
N ASP D 223 -23.14 13.85 -40.77
CA ASP D 223 -23.86 14.12 -39.53
C ASP D 223 -25.37 14.01 -39.67
N VAL D 224 -25.88 13.56 -40.82
CA VAL D 224 -27.32 13.42 -40.99
C VAL D 224 -27.82 12.22 -40.20
N GLY D 225 -28.95 12.39 -39.53
CA GLY D 225 -29.53 11.33 -38.74
C GLY D 225 -30.44 11.90 -37.66
N VAL D 226 -30.77 11.04 -36.70
CA VAL D 226 -31.68 11.39 -35.60
C VAL D 226 -30.90 11.32 -34.30
N TYR D 227 -31.08 12.33 -33.46
CA TYR D 227 -30.27 12.55 -32.27
C TYR D 227 -31.09 12.27 -31.02
N TYR D 228 -30.55 11.45 -30.12
CA TYR D 228 -31.22 11.07 -28.88
C TYR D 228 -30.42 11.60 -27.69
N CYS D 229 -31.07 12.38 -26.83
CA CYS D 229 -30.49 12.69 -25.53
C CYS D 229 -30.89 11.63 -24.52
N MET D 230 -30.05 11.46 -23.49
CA MET D 230 -30.28 10.43 -22.49
C MET D 230 -29.83 10.93 -21.13
N GLN D 231 -30.62 10.65 -20.10
CA GLN D 231 -30.23 10.95 -18.73
C GLN D 231 -29.60 9.71 -18.11
N HIS D 232 -28.58 9.92 -17.30
CA HIS D 232 -27.88 8.84 -16.63
C HIS D 232 -27.82 9.02 -15.11
N LEU D 233 -28.61 9.94 -14.56
CA LEU D 233 -28.53 10.21 -13.13
C LEU D 233 -29.04 9.02 -12.32
N GLU D 234 -30.10 8.36 -12.79
CA GLU D 234 -30.64 7.23 -12.05
C GLU D 234 -31.42 6.33 -13.00
N TYR D 235 -31.38 5.03 -12.69
CA TYR D 235 -32.13 4.04 -13.46
C TYR D 235 -33.62 4.20 -13.23
N PRO D 236 -34.45 3.93 -14.27
CA PRO D 236 -34.10 3.55 -15.65
C PRO D 236 -33.58 4.71 -16.49
N LEU D 237 -32.73 4.39 -17.46
CA LEU D 237 -32.02 5.38 -18.29
C LEU D 237 -32.91 5.78 -19.46
N THR D 238 -33.87 6.65 -19.17
CA THR D 238 -34.86 7.05 -20.16
C THR D 238 -34.21 7.91 -21.24
N PHE D 239 -34.43 7.53 -22.50
CA PHE D 239 -34.05 8.37 -23.63
C PHE D 239 -35.16 9.35 -23.98
N GLY D 240 -34.76 10.47 -24.58
CA GLY D 240 -35.73 11.35 -25.20
C GLY D 240 -36.25 10.79 -26.50
N ALA D 241 -37.35 11.37 -26.99
CA ALA D 241 -37.92 10.92 -28.25
C ALA D 241 -36.97 11.14 -29.42
N GLY D 242 -36.05 12.08 -29.30
CA GLY D 242 -35.04 12.30 -30.32
C GLY D 242 -35.46 13.22 -31.45
N THR D 243 -34.50 13.95 -32.01
CA THR D 243 -34.74 14.94 -33.04
C THR D 243 -34.04 14.54 -34.33
N LYS D 244 -34.78 14.57 -35.44
CA LYS D 244 -34.18 14.30 -36.73
C LYS D 244 -33.59 15.58 -37.33
N LEU D 245 -32.37 15.46 -37.87
CA LEU D 245 -31.76 16.52 -38.67
C LEU D 245 -31.55 15.97 -40.07
N GLU D 246 -32.19 16.59 -41.06
CA GLU D 246 -32.30 16.01 -42.39
C GLU D 246 -31.94 17.04 -43.46
N LEU D 247 -31.47 16.52 -44.58
CA LEU D 247 -30.84 17.33 -45.62
C LEU D 247 -31.84 18.25 -46.31
N LYS D 248 -31.43 19.48 -46.55
CA LYS D 248 -32.23 20.43 -47.32
C LYS D 248 -33.64 20.56 -46.75
N PRO E 73 -18.70 0.51 54.15
CA PRO E 73 -19.94 -0.27 54.22
C PRO E 73 -19.72 -1.76 53.93
N TRP E 74 -20.51 -2.63 54.54
CA TRP E 74 -20.39 -4.07 54.34
C TRP E 74 -18.95 -4.54 54.57
N ASN E 75 -18.50 -4.40 55.83
CA ASN E 75 -17.09 -4.49 56.15
C ASN E 75 -16.56 -5.93 56.21
N GLU E 76 -17.33 -6.89 55.73
CA GLU E 76 -16.88 -8.29 55.79
C GLU E 76 -15.63 -8.47 54.94
N PRO E 77 -14.55 -9.05 55.47
CA PRO E 77 -13.30 -9.11 54.71
C PRO E 77 -13.48 -9.76 53.36
N PRO E 78 -14.22 -10.87 53.26
CA PRO E 78 -14.34 -11.50 51.93
C PRO E 78 -14.98 -10.59 50.91
N VAL E 79 -16.10 -9.97 51.25
CA VAL E 79 -16.79 -9.14 50.27
C VAL E 79 -16.00 -7.87 49.98
N ILE E 80 -15.42 -7.24 50.99
CA ILE E 80 -14.68 -6.01 50.73
C ILE E 80 -13.42 -6.28 49.91
N LEU E 81 -12.75 -7.40 50.18
CA LEU E 81 -11.61 -7.78 49.34
C LEU E 81 -12.06 -8.06 47.91
N SER E 82 -13.22 -8.71 47.75
CA SER E 82 -13.77 -8.95 46.43
C SER E 82 -14.03 -7.63 45.71
N MET E 83 -14.67 -6.67 46.38
CA MET E 83 -14.94 -5.37 45.77
C MET E 83 -13.66 -4.60 45.49
N VAL E 84 -12.63 -4.75 46.33
CA VAL E 84 -11.33 -4.14 46.02
C VAL E 84 -10.77 -4.72 44.73
N ILE E 85 -10.76 -6.05 44.63
CA ILE E 85 -10.19 -6.69 43.44
C ILE E 85 -11.02 -6.33 42.21
N LEU E 86 -12.33 -6.24 42.36
CA LEU E 86 -13.20 -5.88 41.23
C LEU E 86 -12.97 -4.44 40.80
N SER E 87 -12.89 -3.51 41.75
CA SER E 87 -12.63 -2.12 41.42
C SER E 87 -11.28 -1.97 40.76
N LEU E 88 -10.27 -2.70 41.26
CA LEU E 88 -8.95 -2.69 40.63
C LEU E 88 -9.03 -3.24 39.22
N THR E 89 -9.79 -4.33 39.03
CA THR E 89 -9.97 -4.89 37.69
C THR E 89 -10.56 -3.85 36.75
N PHE E 90 -11.61 -3.16 37.18
CA PHE E 90 -12.22 -2.13 36.34
C PHE E 90 -11.22 -1.03 36.03
N LEU E 91 -10.55 -0.51 37.07
CA LEU E 91 -9.71 0.66 36.93
C LEU E 91 -8.51 0.37 36.04
N LEU E 92 -7.96 -0.85 36.11
CA LEU E 92 -6.83 -1.21 35.26
C LEU E 92 -7.27 -1.65 33.87
N GLY E 93 -8.41 -2.32 33.75
CA GLY E 93 -8.82 -2.92 32.50
C GLY E 93 -9.48 -1.96 31.54
N LEU E 94 -10.21 -0.96 32.04
CA LEU E 94 -10.70 0.08 31.13
C LEU E 94 -9.54 0.67 30.35
N PRO E 95 -8.52 1.24 30.97
CA PRO E 95 -7.36 1.71 30.18
C PRO E 95 -6.61 0.58 29.52
N GLY E 96 -6.39 -0.53 30.22
CA GLY E 96 -5.56 -1.60 29.66
C GLY E 96 -6.10 -2.10 28.34
N ASN E 97 -7.38 -2.50 28.30
CA ASN E 97 -7.96 -2.98 27.05
C ASN E 97 -8.24 -1.82 26.10
N GLY E 98 -8.70 -0.69 26.64
CA GLY E 98 -9.07 0.42 25.77
C GLY E 98 -7.90 0.91 24.92
N LEU E 99 -6.75 1.14 25.56
CA LEU E 99 -5.61 1.67 24.82
C LEU E 99 -5.09 0.67 23.80
N VAL E 100 -5.04 -0.62 24.16
CA VAL E 100 -4.50 -1.60 23.22
C VAL E 100 -5.42 -1.76 22.03
N LEU E 101 -6.74 -1.79 22.25
CA LEU E 101 -7.65 -1.94 21.12
C LEU E 101 -7.72 -0.66 20.29
N TRP E 102 -7.55 0.51 20.92
CA TRP E 102 -7.47 1.75 20.17
C TRP E 102 -6.23 1.77 19.29
N VAL E 103 -5.09 1.30 19.82
CA VAL E 103 -3.89 1.17 19.02
C VAL E 103 -4.12 0.18 17.87
N ALA E 104 -4.74 -0.96 18.18
CA ALA E 104 -5.01 -1.94 17.15
C ALA E 104 -5.93 -1.39 16.08
N GLY E 105 -6.80 -0.44 16.42
CA GLY E 105 -7.66 0.17 15.43
C GLY E 105 -7.01 1.28 14.62
N LEU E 106 -6.02 1.97 15.18
CA LEU E 106 -5.41 3.08 14.44
C LEU E 106 -3.93 2.88 14.11
N LYS E 107 -3.09 2.65 15.13
CA LYS E 107 -1.65 2.58 14.93
C LYS E 107 -1.17 1.20 14.49
N MET E 108 -1.91 0.15 14.81
CA MET E 108 -1.47 -1.22 14.55
C MET E 108 -2.24 -1.78 13.37
N GLN E 109 -1.53 -2.49 12.49
CA GLN E 109 -2.14 -3.04 11.30
C GLN E 109 -2.92 -4.30 11.63
N ARG E 110 -3.83 -4.67 10.73
CA ARG E 110 -4.70 -5.82 10.95
C ARG E 110 -4.04 -7.13 10.57
N THR E 111 -2.86 -7.40 11.13
CA THR E 111 -2.18 -8.67 10.87
C THR E 111 -2.80 -9.80 11.67
N VAL E 112 -2.43 -11.03 11.29
CA VAL E 112 -2.91 -12.21 12.02
C VAL E 112 -2.53 -12.09 13.49
N ASN E 113 -1.30 -11.67 13.78
CA ASN E 113 -0.90 -11.47 15.16
C ASN E 113 -1.79 -10.44 15.84
N THR E 114 -2.27 -9.46 15.08
CA THR E 114 -3.16 -8.44 15.65
C THR E 114 -4.57 -8.98 15.87
N ILE E 115 -5.01 -9.92 15.04
CA ILE E 115 -6.41 -10.36 15.09
C ILE E 115 -6.71 -11.06 16.41
N TRP E 116 -5.87 -12.01 16.81
CA TRP E 116 -6.09 -12.67 18.09
C TRP E 116 -6.09 -11.68 19.24
N PHE E 117 -5.13 -10.76 19.24
CA PHE E 117 -5.06 -9.79 20.33
C PHE E 117 -6.28 -8.88 20.34
N LEU E 118 -6.76 -8.49 19.16
CA LEU E 118 -7.96 -7.65 19.10
C LEU E 118 -9.14 -8.37 19.70
N HIS E 119 -9.38 -9.62 19.28
CA HIS E 119 -10.52 -10.35 19.81
C HIS E 119 -10.37 -10.60 21.31
N LEU E 120 -9.17 -10.94 21.76
CA LEU E 120 -8.95 -11.18 23.19
C LEU E 120 -9.22 -9.92 24.01
N THR E 121 -8.60 -8.80 23.61
CA THR E 121 -8.79 -7.57 24.36
C THR E 121 -10.23 -7.07 24.26
N LEU E 122 -10.93 -7.40 23.18
CA LEU E 122 -12.34 -7.04 23.08
C LEU E 122 -13.18 -7.85 24.06
N ALA E 123 -12.93 -9.16 24.14
CA ALA E 123 -13.62 -9.97 25.13
C ALA E 123 -13.32 -9.48 26.54
N ASP E 124 -12.07 -9.11 26.81
CA ASP E 124 -11.72 -8.57 28.12
C ASP E 124 -12.38 -7.21 28.36
N LEU E 125 -12.53 -6.41 27.30
CA LEU E 125 -13.24 -5.14 27.43
C LEU E 125 -14.69 -5.38 27.82
N LEU E 126 -15.34 -6.36 27.17
CA LEU E 126 -16.69 -6.72 27.59
C LEU E 126 -16.72 -7.19 29.03
N CYS E 127 -15.70 -7.96 29.43
CA CYS E 127 -15.60 -8.40 30.81
C CYS E 127 -15.56 -7.22 31.78
N CYS E 128 -14.75 -6.21 31.45
CA CYS E 128 -14.59 -5.06 32.33
C CYS E 128 -15.84 -4.20 32.33
N LEU E 129 -16.37 -3.90 31.15
CA LEU E 129 -17.49 -2.97 31.03
C LEU E 129 -18.73 -3.49 31.76
N SER E 130 -18.90 -4.81 31.82
CA SER E 130 -20.06 -5.41 32.48
C SER E 130 -19.83 -5.66 33.96
N LEU E 131 -18.63 -5.38 34.47
CA LEU E 131 -18.33 -5.67 35.86
C LEU E 131 -19.14 -4.82 36.84
N PRO E 132 -19.52 -3.57 36.53
CA PRO E 132 -20.31 -2.80 37.51
C PRO E 132 -21.56 -3.52 37.97
N PHE E 133 -22.11 -4.45 37.18
CA PHE E 133 -23.18 -5.30 37.69
C PHE E 133 -22.67 -6.15 38.85
N SER E 134 -21.47 -6.72 38.74
CA SER E 134 -20.94 -7.51 39.84
C SER E 134 -20.68 -6.63 41.07
N LEU E 135 -20.16 -5.42 40.84
CA LEU E 135 -19.99 -4.50 41.98
C LEU E 135 -21.32 -4.18 42.64
N ALA E 136 -22.36 -3.92 41.84
CA ALA E 136 -23.67 -3.62 42.40
C ALA E 136 -24.20 -4.81 43.20
N HIS E 137 -24.03 -6.02 42.67
CA HIS E 137 -24.44 -7.21 43.41
C HIS E 137 -23.69 -7.32 44.72
N LEU E 138 -22.38 -7.06 44.70
CA LEU E 138 -21.60 -7.13 45.93
C LEU E 138 -22.07 -6.11 46.95
N ALA E 139 -22.38 -4.89 46.49
CA ALA E 139 -22.83 -3.85 47.41
C ALA E 139 -24.18 -4.20 48.02
N LEU E 140 -25.12 -4.68 47.20
CA LEU E 140 -26.42 -5.07 47.72
C LEU E 140 -26.33 -6.34 48.55
N GLN E 141 -25.37 -7.21 48.24
CA GLN E 141 -25.08 -8.41 49.02
C GLN E 141 -26.29 -9.33 49.16
N GLY E 142 -27.23 -9.25 48.23
CA GLY E 142 -28.39 -10.13 48.28
C GLY E 142 -29.47 -9.63 47.34
N GLN E 143 -30.57 -10.37 47.34
CA GLN E 143 -31.73 -10.04 46.50
C GLN E 143 -31.24 -9.84 45.06
N TRP E 144 -31.94 -9.01 44.30
CA TRP E 144 -31.59 -8.70 42.93
C TRP E 144 -32.14 -7.30 42.67
N PRO E 145 -31.35 -6.38 42.09
CA PRO E 145 -31.81 -4.99 41.99
C PRO E 145 -32.72 -4.70 40.79
N TYR E 146 -32.93 -5.65 39.89
CA TYR E 146 -33.59 -5.39 38.62
C TYR E 146 -34.65 -6.46 38.38
N GLY E 147 -35.17 -6.51 37.16
CA GLY E 147 -36.24 -7.43 36.81
C GLY E 147 -35.74 -8.80 36.38
N ARG E 148 -36.70 -9.66 36.01
CA ARG E 148 -36.38 -11.01 35.57
C ARG E 148 -35.52 -11.00 34.32
N PHE E 149 -35.86 -10.16 33.34
CA PHE E 149 -35.06 -10.07 32.13
C PHE E 149 -33.62 -9.69 32.45
N LEU E 150 -33.44 -8.75 33.37
CA LEU E 150 -32.09 -8.33 33.75
C LEU E 150 -31.30 -9.49 34.33
N CYS E 151 -31.91 -10.28 35.22
CA CYS E 151 -31.19 -11.39 35.82
C CYS E 151 -30.90 -12.48 34.80
N LYS E 152 -31.79 -12.66 33.82
CA LYS E 152 -31.54 -13.67 32.80
C LYS E 152 -30.40 -13.24 31.88
N LEU E 153 -30.31 -11.94 31.57
CA LEU E 153 -29.31 -11.48 30.63
C LEU E 153 -27.94 -11.33 31.28
N ILE E 154 -27.87 -10.65 32.42
CA ILE E 154 -26.58 -10.16 32.92
C ILE E 154 -25.55 -11.28 33.06
N PRO E 155 -25.83 -12.40 33.73
CA PRO E 155 -24.80 -13.44 33.86
C PRO E 155 -24.25 -13.90 32.53
N SER E 156 -25.14 -14.13 31.56
CA SER E 156 -24.69 -14.55 30.24
C SER E 156 -23.81 -13.48 29.60
N ILE E 157 -24.23 -12.22 29.70
CA ILE E 157 -23.47 -11.15 29.05
C ILE E 157 -22.05 -11.09 29.62
N ILE E 158 -21.92 -11.17 30.94
CA ILE E 158 -20.59 -11.07 31.55
C ILE E 158 -19.75 -12.30 31.20
N VAL E 159 -20.32 -13.48 31.42
CA VAL E 159 -19.53 -14.68 31.37
C VAL E 159 -19.24 -15.10 29.94
N LEU E 160 -20.01 -14.64 28.96
CA LEU E 160 -19.63 -14.82 27.56
C LEU E 160 -18.30 -14.14 27.28
N ASN E 161 -18.13 -12.91 27.75
CA ASN E 161 -16.85 -12.24 27.61
C ASN E 161 -15.76 -13.02 28.31
N MET E 162 -16.03 -13.48 29.53
CA MET E 162 -15.00 -14.23 30.26
C MET E 162 -14.54 -15.46 29.49
N PHE E 163 -15.49 -16.32 29.08
CA PHE E 163 -15.11 -17.58 28.46
C PHE E 163 -14.57 -17.37 27.05
N ALA E 164 -15.05 -16.35 26.33
CA ALA E 164 -14.44 -16.02 25.05
C ALA E 164 -12.98 -15.63 25.23
N SER E 165 -12.69 -14.85 26.28
CA SER E 165 -11.30 -14.50 26.57
C SER E 165 -10.47 -15.76 26.82
N VAL E 166 -11.01 -16.70 27.59
CA VAL E 166 -10.24 -17.91 27.87
C VAL E 166 -10.00 -18.73 26.60
N PHE E 167 -11.05 -18.92 25.78
CA PHE E 167 -10.83 -19.64 24.52
C PHE E 167 -9.84 -18.91 23.64
N LEU E 168 -9.81 -17.58 23.67
CA LEU E 168 -8.83 -16.86 22.85
C LEU E 168 -7.42 -17.01 23.39
N LEU E 169 -7.25 -17.14 24.71
CA LEU E 169 -5.95 -17.57 25.22
C LEU E 169 -5.57 -18.92 24.63
N THR E 170 -6.51 -19.85 24.60
CA THR E 170 -6.22 -21.16 24.01
C THR E 170 -5.82 -21.03 22.55
N ALA E 171 -6.55 -20.21 21.80
CA ALA E 171 -6.27 -20.04 20.38
C ALA E 171 -4.90 -19.40 20.16
N ILE E 172 -4.57 -18.38 20.96
CA ILE E 172 -3.25 -17.76 20.84
C ILE E 172 -2.16 -18.78 21.12
N SER E 173 -2.34 -19.62 22.15
CA SER E 173 -1.34 -20.63 22.44
C SER E 173 -1.21 -21.62 21.29
N LEU E 174 -2.33 -22.04 20.71
CA LEU E 174 -2.28 -22.97 19.59
C LEU E 174 -1.57 -22.35 18.40
N ASP E 175 -1.85 -21.08 18.10
CA ASP E 175 -1.22 -20.43 16.95
C ASP E 175 0.28 -20.23 17.20
N ARG E 176 0.65 -19.83 18.41
CA ARG E 176 2.06 -19.73 18.78
C ARG E 176 2.75 -21.06 18.60
N CYS E 177 2.10 -22.15 19.00
CA CYS E 177 2.66 -23.47 18.77
C CYS E 177 2.79 -23.76 17.29
N LEU E 178 1.78 -23.41 16.50
CA LEU E 178 1.77 -23.76 15.08
C LEU E 178 2.89 -23.04 14.34
N VAL E 179 3.12 -21.75 14.65
CA VAL E 179 4.11 -20.96 13.93
C VAL E 179 5.53 -21.33 14.36
N VAL E 180 5.66 -22.28 15.28
CA VAL E 180 6.95 -22.83 15.64
C VAL E 180 7.06 -24.32 15.29
N PHE E 181 5.92 -24.99 15.08
CA PHE E 181 5.85 -26.42 14.83
C PHE E 181 5.83 -26.75 13.34
N LYS E 182 5.30 -25.87 12.51
CA LYS E 182 5.19 -26.14 11.09
C LYS E 182 5.21 -24.84 10.28
N PRO E 183 6.33 -24.10 10.28
CA PRO E 183 6.35 -22.80 9.58
C PRO E 183 6.02 -22.91 8.10
N ILE E 184 6.42 -24.00 7.43
CA ILE E 184 6.11 -24.13 6.01
C ILE E 184 4.61 -24.16 5.79
N TRP E 185 3.88 -24.86 6.66
CA TRP E 185 2.42 -24.90 6.57
C TRP E 185 1.81 -23.52 6.79
N CYS E 186 2.33 -22.76 7.76
CA CYS E 186 1.83 -21.42 7.99
C CYS E 186 1.97 -20.55 6.75
N GLN E 187 3.13 -20.62 6.10
CA GLN E 187 3.36 -19.79 4.93
C GLN E 187 2.33 -20.06 3.83
N ASN E 188 1.76 -21.27 3.81
CA ASN E 188 0.80 -21.63 2.80
C ASN E 188 -0.65 -21.38 3.21
N HIS E 189 -0.95 -21.29 4.51
CA HIS E 189 -2.33 -21.25 4.98
C HIS E 189 -2.66 -20.08 5.88
N ARG E 190 -1.70 -19.49 6.59
CA ARG E 190 -1.98 -18.54 7.67
C ARG E 190 -2.25 -17.16 7.08
N ASN E 191 -3.48 -16.68 7.21
CA ASN E 191 -3.87 -15.36 6.71
C ASN E 191 -4.93 -14.75 7.63
N VAL E 192 -5.16 -13.45 7.42
CA VAL E 192 -6.01 -12.68 8.34
C VAL E 192 -7.42 -13.26 8.39
N GLY E 193 -8.01 -13.49 7.22
CA GLY E 193 -9.41 -13.91 7.18
C GLY E 193 -9.62 -15.25 7.87
N MET E 194 -8.69 -16.19 7.65
CA MET E 194 -8.79 -17.49 8.30
C MET E 194 -8.77 -17.37 9.82
N ALA E 195 -7.81 -16.59 10.34
CA ALA E 195 -7.74 -16.41 11.79
C ALA E 195 -9.01 -15.75 12.32
N CYS E 196 -9.48 -14.70 11.65
CA CYS E 196 -10.69 -14.02 12.11
C CYS E 196 -11.90 -14.95 12.07
N SER E 197 -11.95 -15.83 11.08
CA SER E 197 -13.02 -16.83 11.03
C SER E 197 -12.94 -17.75 12.23
N ILE E 198 -11.72 -18.18 12.59
CA ILE E 198 -11.58 -18.99 13.80
C ILE E 198 -12.09 -18.23 15.01
N CYS E 199 -11.72 -16.95 15.13
CA CYS E 199 -12.16 -16.18 16.29
C CYS E 199 -13.68 -16.03 16.34
N GLY E 200 -14.31 -15.84 15.18
CA GLY E 200 -15.77 -15.82 15.15
C GLY E 200 -16.35 -17.15 15.62
N CYS E 201 -15.76 -18.25 15.16
CA CYS E 201 -16.20 -19.56 15.62
C CYS E 201 -16.05 -19.69 17.14
N ILE E 202 -14.97 -19.13 17.69
CA ILE E 202 -14.76 -19.16 19.14
C ILE E 202 -15.81 -18.33 19.86
N TRP E 203 -16.12 -17.14 19.35
CA TRP E 203 -17.23 -16.38 19.91
C TRP E 203 -18.50 -17.21 19.93
N VAL E 204 -18.78 -17.92 18.84
CA VAL E 204 -20.01 -18.71 18.76
C VAL E 204 -19.97 -19.86 19.77
N VAL E 205 -18.83 -20.54 19.88
CA VAL E 205 -18.71 -21.64 20.83
C VAL E 205 -18.89 -21.14 22.26
N ALA E 206 -18.32 -19.98 22.57
CA ALA E 206 -18.52 -19.39 23.89
C ALA E 206 -19.98 -19.05 24.11
N PHE E 207 -20.65 -18.50 23.09
CA PHE E 207 -22.05 -18.15 23.21
C PHE E 207 -22.87 -19.40 23.51
N VAL E 208 -22.56 -20.51 22.82
CA VAL E 208 -23.18 -21.79 23.13
C VAL E 208 -22.89 -22.18 24.57
N MET E 209 -21.67 -21.92 25.03
CA MET E 209 -21.28 -22.29 26.38
C MET E 209 -22.04 -21.49 27.44
N CYS E 210 -22.73 -20.41 27.06
CA CYS E 210 -23.30 -19.48 28.01
C CYS E 210 -24.82 -19.32 27.92
N ILE E 211 -25.49 -19.99 26.99
CA ILE E 211 -26.95 -19.96 26.99
C ILE E 211 -27.54 -20.89 28.06
N PRO E 212 -26.86 -21.96 28.54
CA PRO E 212 -27.40 -22.73 29.66
C PRO E 212 -27.73 -21.74 30.79
N VAL E 213 -26.79 -20.85 31.14
CA VAL E 213 -27.07 -19.96 32.26
C VAL E 213 -28.27 -19.07 31.94
N PHE E 214 -28.41 -18.67 30.67
CA PHE E 214 -29.54 -17.84 30.27
C PHE E 214 -30.86 -18.56 30.49
N VAL E 215 -30.93 -19.84 30.10
CA VAL E 215 -32.19 -20.58 30.22
C VAL E 215 -32.49 -20.87 31.69
N TYR E 216 -31.47 -21.14 32.49
CA TYR E 216 -31.65 -21.76 33.79
C TYR E 216 -31.79 -20.77 34.94
N ARG E 217 -31.26 -19.56 34.80
CA ARG E 217 -31.38 -18.57 35.87
C ARG E 217 -32.81 -18.07 36.00
N GLU E 218 -33.26 -17.89 37.25
CA GLU E 218 -34.59 -17.37 37.54
C GLU E 218 -34.59 -16.69 38.91
N ILE E 219 -35.58 -15.83 39.13
CA ILE E 219 -35.74 -15.15 40.42
C ILE E 219 -36.58 -16.02 41.35
N PHE E 220 -36.26 -15.96 42.64
CA PHE E 220 -37.01 -16.70 43.67
C PHE E 220 -36.93 -15.92 44.98
N THR E 221 -37.27 -16.58 46.09
CA THR E 221 -37.33 -15.92 47.38
C THR E 221 -35.95 -15.73 48.01
N THR E 222 -35.37 -16.81 48.53
CA THR E 222 -33.95 -16.87 48.87
C THR E 222 -33.49 -15.79 49.85
N ASP E 223 -34.39 -14.91 50.29
CA ASP E 223 -33.97 -13.74 51.06
C ASP E 223 -35.19 -12.90 51.43
N ASN E 224 -34.96 -11.90 52.26
CA ASN E 224 -36.02 -10.94 52.58
C ASN E 224 -36.48 -10.18 51.35
N HIS E 225 -35.64 -10.08 50.33
CA HIS E 225 -36.03 -9.58 49.02
C HIS E 225 -35.67 -10.63 47.99
N ASN E 226 -36.49 -10.74 46.96
CA ASN E 226 -36.38 -11.85 46.01
C ASN E 226 -34.96 -11.96 45.48
N ARG E 227 -34.28 -13.04 45.83
CA ARG E 227 -32.98 -13.34 45.27
C ARG E 227 -33.15 -14.02 43.91
N CYS E 228 -32.05 -14.07 43.16
CA CYS E 228 -32.03 -14.68 41.85
C CYS E 228 -30.92 -15.73 41.79
N GLY E 229 -31.17 -16.79 41.04
CA GLY E 229 -30.24 -17.90 41.01
C GLY E 229 -30.77 -19.02 40.13
N TYR E 230 -30.44 -20.24 40.52
CA TYR E 230 -30.95 -21.42 39.81
C TYR E 230 -30.74 -22.68 40.63
N THR E 387 -30.06 -31.53 38.83
CA THR E 387 -29.08 -32.13 37.93
C THR E 387 -28.46 -31.13 36.96
N PRO E 388 -29.25 -30.19 36.43
CA PRO E 388 -28.67 -29.21 35.50
C PRO E 388 -27.50 -28.46 36.08
N LEU E 389 -27.58 -28.03 37.35
CA LEU E 389 -26.54 -27.19 37.92
C LEU E 389 -25.20 -27.90 37.90
N VAL E 390 -25.16 -29.16 38.34
CA VAL E 390 -23.94 -29.95 38.22
C VAL E 390 -23.59 -30.16 36.76
N ALA E 391 -24.60 -30.41 35.92
CA ALA E 391 -24.34 -30.70 34.52
C ALA E 391 -23.61 -29.54 33.84
N ILE E 392 -24.15 -28.33 33.95
CA ILE E 392 -23.54 -27.21 33.25
C ILE E 392 -22.24 -26.80 33.93
N THR E 393 -22.17 -26.90 35.25
CA THR E 393 -20.93 -26.56 35.93
C THR E 393 -19.79 -27.46 35.45
N ILE E 394 -20.04 -28.77 35.38
CA ILE E 394 -19.01 -29.70 34.94
C ILE E 394 -18.71 -29.54 33.46
N THR E 395 -19.74 -29.32 32.64
CA THR E 395 -19.51 -29.11 31.20
C THR E 395 -18.64 -27.88 30.98
N ARG E 396 -18.98 -26.79 31.65
CA ARG E 396 -18.19 -25.57 31.54
C ARG E 396 -16.79 -25.78 32.09
N LEU E 397 -16.66 -26.57 33.16
CA LEU E 397 -15.32 -26.94 33.61
C LEU E 397 -14.53 -27.58 32.48
N VAL E 398 -15.01 -28.71 31.96
CA VAL E 398 -14.20 -29.50 31.04
C VAL E 398 -13.90 -28.69 29.77
N VAL E 399 -14.90 -28.01 29.21
CA VAL E 399 -14.67 -27.38 27.90
C VAL E 399 -14.08 -25.98 28.02
N GLY E 400 -14.30 -25.26 29.13
CA GLY E 400 -13.86 -23.89 29.25
C GLY E 400 -12.64 -23.66 30.11
N PHE E 401 -12.21 -24.62 30.94
CA PHE E 401 -11.02 -24.39 31.74
C PHE E 401 -10.01 -25.53 31.64
N LEU E 402 -10.50 -26.77 31.61
CA LEU E 402 -9.58 -27.90 31.53
C LEU E 402 -8.99 -28.02 30.13
N LEU E 403 -9.83 -28.09 29.10
CA LEU E 403 -9.32 -28.10 27.74
C LEU E 403 -8.45 -26.89 27.44
N PRO E 404 -8.88 -25.65 27.74
CA PRO E 404 -7.98 -24.51 27.58
C PRO E 404 -6.66 -24.67 28.31
N SER E 405 -6.69 -25.01 29.60
CA SER E 405 -5.45 -25.07 30.36
C SER E 405 -4.55 -26.20 29.90
N VAL E 406 -5.12 -27.37 29.58
CA VAL E 406 -4.30 -28.48 29.09
C VAL E 406 -3.65 -28.09 27.77
N ILE E 407 -4.43 -27.54 26.84
CA ILE E 407 -3.89 -27.15 25.55
C ILE E 407 -2.81 -26.09 25.73
N MET E 408 -3.08 -25.10 26.58
CA MET E 408 -2.13 -24.01 26.77
C MET E 408 -0.81 -24.52 27.35
N ILE E 409 -0.89 -25.34 28.40
CA ILE E 409 0.37 -25.81 28.99
C ILE E 409 1.10 -26.71 28.02
N ALA E 410 0.38 -27.49 27.21
CA ALA E 410 1.06 -28.30 26.20
C ALA E 410 1.79 -27.42 25.19
N CYS E 411 1.10 -26.39 24.67
CA CYS E 411 1.71 -25.52 23.67
C CYS E 411 2.91 -24.79 24.24
N TYR E 412 2.78 -24.23 25.44
CA TYR E 412 3.85 -23.45 26.02
C TYR E 412 5.00 -24.33 26.53
N SER E 413 4.74 -25.61 26.79
CA SER E 413 5.83 -26.56 27.01
C SER E 413 6.57 -26.82 25.71
N PHE E 414 5.82 -27.10 24.63
CA PHE E 414 6.44 -27.43 23.36
C PHE E 414 7.28 -26.27 22.83
N ILE E 415 6.75 -25.05 22.90
CA ILE E 415 7.46 -23.91 22.35
C ILE E 415 8.81 -23.74 23.06
N VAL E 416 8.82 -23.87 24.38
CA VAL E 416 10.07 -23.77 25.13
C VAL E 416 11.01 -24.89 24.75
N PHE E 417 10.49 -26.12 24.61
CA PHE E 417 11.35 -27.24 24.23
C PHE E 417 11.91 -27.08 22.82
N ARG E 418 11.25 -26.31 21.96
CA ARG E 418 11.81 -26.02 20.64
C ARG E 418 12.78 -24.84 20.71
N MET E 419 12.32 -23.70 21.19
CA MET E 419 13.13 -22.48 21.18
C MET E 419 14.49 -22.71 21.83
N GLN E 428 16.79 -19.18 25.10
CA GLN E 428 15.70 -20.05 25.50
C GLN E 428 15.07 -19.56 26.81
N SER E 429 15.90 -19.00 27.69
CA SER E 429 15.41 -18.59 29.00
C SER E 429 14.32 -17.53 28.89
N LYS E 430 14.45 -16.61 27.94
CA LYS E 430 13.42 -15.59 27.75
C LYS E 430 12.11 -16.23 27.31
N THR E 431 12.20 -17.17 26.35
CA THR E 431 11.03 -17.93 25.93
C THR E 431 10.39 -18.62 27.13
N PHE E 432 11.21 -19.28 27.95
CA PHE E 432 10.71 -19.95 29.14
C PHE E 432 10.04 -18.98 30.10
N ARG E 433 10.65 -17.81 30.30
CA ARG E 433 10.07 -16.84 31.21
C ARG E 433 8.69 -16.41 30.75
N VAL E 434 8.55 -16.02 29.48
CA VAL E 434 7.25 -15.58 28.98
C VAL E 434 6.23 -16.70 29.07
N ALA E 435 6.61 -17.90 28.61
CA ALA E 435 5.67 -19.00 28.61
C ALA E 435 5.18 -19.32 30.03
N VAL E 436 6.10 -19.38 30.98
CA VAL E 436 5.72 -19.75 32.34
C VAL E 436 4.84 -18.67 32.96
N VAL E 437 5.17 -17.39 32.73
CA VAL E 437 4.35 -16.32 33.28
C VAL E 437 2.95 -16.41 32.69
N VAL E 438 2.85 -16.65 31.38
CA VAL E 438 1.54 -16.67 30.73
C VAL E 438 0.69 -17.80 31.26
N VAL E 439 1.28 -18.99 31.45
CA VAL E 439 0.50 -20.09 32.01
C VAL E 439 0.14 -19.81 33.47
N ALA E 440 1.08 -19.26 34.23
CA ALA E 440 0.87 -19.05 35.66
C ALA E 440 -0.26 -18.08 35.91
N VAL E 441 -0.28 -16.95 35.18
CA VAL E 441 -1.34 -15.97 35.40
C VAL E 441 -2.70 -16.59 35.12
N PHE E 442 -2.81 -17.35 34.03
CA PHE E 442 -4.07 -17.98 33.68
C PHE E 442 -4.54 -18.93 34.78
N LEU E 443 -3.63 -19.80 35.25
CA LEU E 443 -4.02 -20.76 36.27
C LEU E 443 -4.39 -20.07 37.58
N VAL E 444 -3.58 -19.10 37.99
CA VAL E 444 -3.87 -18.38 39.26
C VAL E 444 -5.25 -17.77 39.13
N CYS E 445 -5.54 -17.12 38.00
CA CYS E 445 -6.80 -16.42 37.83
C CYS E 445 -7.99 -17.38 37.86
N TRP E 446 -7.90 -18.52 37.18
CA TRP E 446 -9.10 -19.30 36.93
C TRP E 446 -9.23 -20.57 37.78
N THR E 447 -8.20 -21.00 38.49
CA THR E 447 -8.37 -22.16 39.37
C THR E 447 -9.38 -21.89 40.49
N PRO E 448 -9.31 -20.77 41.21
CA PRO E 448 -10.23 -20.57 42.34
C PRO E 448 -11.69 -20.68 41.92
N TYR E 449 -12.03 -20.04 40.80
CA TYR E 449 -13.40 -20.06 40.30
C TYR E 449 -13.91 -21.50 40.19
N HIS E 450 -13.09 -22.41 39.66
CA HIS E 450 -13.59 -23.75 39.40
C HIS E 450 -13.52 -24.65 40.64
N ILE E 451 -12.50 -24.51 41.48
CA ILE E 451 -12.50 -25.33 42.69
C ILE E 451 -13.70 -24.97 43.56
N PHE E 452 -13.99 -23.67 43.70
CA PHE E 452 -15.22 -23.29 44.37
C PHE E 452 -16.45 -23.73 43.59
N GLY E 453 -16.38 -23.76 42.26
CA GLY E 453 -17.50 -24.27 41.50
C GLY E 453 -17.87 -25.69 41.90
N VAL E 454 -16.89 -26.58 41.97
CA VAL E 454 -17.20 -27.96 42.32
C VAL E 454 -17.53 -28.09 43.80
N LEU E 455 -16.84 -27.32 44.66
CA LEU E 455 -17.18 -27.36 46.09
C LEU E 455 -18.60 -26.90 46.33
N SER E 456 -19.13 -26.02 45.48
CA SER E 456 -20.53 -25.61 45.61
C SER E 456 -21.46 -26.80 45.43
N LEU E 457 -21.03 -27.79 44.64
CA LEU E 457 -21.78 -29.03 44.53
C LEU E 457 -21.43 -29.98 45.67
N LEU E 458 -20.26 -29.82 46.26
CA LEU E 458 -19.84 -30.69 47.36
C LEU E 458 -20.55 -30.32 48.67
N THR E 459 -20.74 -29.03 48.92
CA THR E 459 -21.24 -28.55 50.21
C THR E 459 -22.70 -28.13 50.11
N ASP E 460 -23.49 -28.57 51.08
CA ASP E 460 -24.91 -28.23 51.10
C ASP E 460 -25.12 -26.80 51.58
N PRO E 461 -26.21 -26.16 51.16
CA PRO E 461 -26.54 -24.84 51.70
C PRO E 461 -26.94 -24.94 53.17
N GLU E 462 -26.85 -23.81 53.86
CA GLU E 462 -27.20 -23.71 55.28
C GLU E 462 -26.28 -24.58 56.15
N THR E 463 -24.98 -24.51 55.86
CA THR E 463 -23.94 -25.16 56.63
C THR E 463 -22.76 -24.20 56.68
N PRO E 464 -21.84 -24.32 57.66
CA PRO E 464 -20.65 -23.48 57.67
C PRO E 464 -19.97 -23.58 56.30
N LEU E 465 -19.69 -24.81 55.87
CA LEU E 465 -18.97 -24.96 54.61
C LEU E 465 -19.64 -24.13 53.51
N GLY E 466 -20.96 -24.28 53.37
CA GLY E 466 -21.67 -23.49 52.37
C GLY E 466 -21.50 -22.00 52.56
N LYS E 467 -21.66 -21.53 53.80
CA LYS E 467 -21.58 -20.10 54.06
C LYS E 467 -20.19 -19.57 53.77
N THR E 468 -19.15 -20.22 54.31
CA THR E 468 -17.80 -19.72 54.08
C THR E 468 -17.40 -19.82 52.61
N LEU E 469 -17.77 -20.92 51.96
CA LEU E 469 -17.47 -21.09 50.54
C LEU E 469 -18.10 -19.98 49.71
N MET E 470 -19.40 -19.75 49.88
CA MET E 470 -20.07 -18.73 49.10
C MET E 470 -19.54 -17.34 49.45
N SER E 471 -19.07 -17.15 50.69
CA SER E 471 -18.46 -15.87 51.06
C SER E 471 -17.20 -15.60 50.25
N TRP E 472 -16.26 -16.56 50.24
CA TRP E 472 -15.02 -16.35 49.50
C TRP E 472 -15.21 -16.50 47.99
N ASP E 473 -16.35 -17.05 47.55
CA ASP E 473 -16.59 -17.19 46.12
C ASP E 473 -16.60 -15.84 45.42
N HIS E 474 -16.99 -14.77 46.11
CA HIS E 474 -16.91 -13.45 45.49
C HIS E 474 -15.48 -13.15 45.08
N VAL E 475 -14.53 -13.41 45.97
CA VAL E 475 -13.12 -13.19 45.65
C VAL E 475 -12.69 -14.07 44.50
N CYS E 476 -13.19 -15.32 44.46
CA CYS E 476 -12.84 -16.19 43.35
C CYS E 476 -13.30 -15.60 42.02
N ILE E 477 -14.55 -15.15 41.96
CA ILE E 477 -15.06 -14.52 40.75
C ILE E 477 -14.23 -13.29 40.41
N ALA E 478 -13.83 -12.54 41.44
CA ALA E 478 -13.03 -11.33 41.21
C ALA E 478 -11.70 -11.67 40.55
N LEU E 479 -11.05 -12.74 40.98
CA LEU E 479 -9.81 -13.16 40.35
C LEU E 479 -10.04 -13.54 38.89
N ALA E 480 -11.08 -14.33 38.65
CA ALA E 480 -11.39 -14.73 37.28
C ALA E 480 -11.62 -13.50 36.41
N SER E 481 -12.22 -12.46 36.98
CA SER E 481 -12.40 -11.21 36.25
C SER E 481 -11.05 -10.51 36.01
N ALA E 482 -10.21 -10.46 37.05
CA ALA E 482 -8.94 -9.73 36.95
C ALA E 482 -8.07 -10.27 35.83
N ASN E 483 -8.27 -11.55 35.46
CA ASN E 483 -7.64 -12.04 34.25
C ASN E 483 -7.78 -11.04 33.10
N SER E 484 -8.97 -10.42 32.99
CA SER E 484 -9.24 -9.52 31.87
C SER E 484 -8.41 -8.25 31.90
N CYS E 485 -8.04 -7.76 33.08
CA CYS E 485 -7.18 -6.59 33.14
C CYS E 485 -5.71 -6.97 32.95
N PHE E 486 -5.33 -8.19 33.36
CA PHE E 486 -3.95 -8.60 33.14
C PHE E 486 -3.65 -8.88 31.68
N ASN E 487 -4.62 -9.41 30.93
CA ASN E 487 -4.30 -9.92 29.60
C ASN E 487 -3.64 -8.91 28.67
N PRO E 488 -4.08 -7.65 28.56
CA PRO E 488 -3.39 -6.72 27.65
C PRO E 488 -1.90 -6.59 27.92
N PHE E 489 -1.50 -6.58 29.19
CA PHE E 489 -0.10 -6.40 29.53
C PHE E 489 0.74 -7.65 29.27
N LEU E 490 0.13 -8.84 29.34
CA LEU E 490 0.89 -10.07 29.24
C LEU E 490 0.79 -10.75 27.88
N TYR E 491 0.07 -10.18 26.91
CA TYR E 491 0.21 -10.65 25.53
C TYR E 491 0.69 -9.62 24.53
N ALA E 492 -0.07 -8.53 24.35
CA ALA E 492 0.25 -7.59 23.31
C ALA E 492 1.34 -6.62 23.74
N LEU E 493 1.20 -6.05 24.93
CA LEU E 493 2.10 -5.02 25.41
C LEU E 493 3.40 -5.59 25.98
N LEU E 494 3.63 -6.90 25.87
CA LEU E 494 4.96 -7.43 26.07
C LEU E 494 5.92 -6.92 25.01
N GLY E 495 5.44 -6.82 23.77
CA GLY E 495 6.32 -6.49 22.65
C GLY E 495 6.79 -5.05 22.74
N LYS E 496 8.11 -4.86 22.61
CA LYS E 496 8.64 -3.51 22.55
C LYS E 496 8.06 -2.75 21.36
N ASP E 497 7.71 -3.46 20.28
CA ASP E 497 7.12 -2.81 19.12
C ASP E 497 5.74 -2.25 19.45
N PHE E 498 4.83 -3.12 19.93
CA PHE E 498 3.48 -2.68 20.25
C PHE E 498 3.48 -1.65 21.36
N ARG E 499 4.31 -1.86 22.38
CA ARG E 499 4.33 -0.93 23.51
C ARG E 499 4.94 0.41 23.12
N LYS E 500 5.94 0.40 22.22
CA LYS E 500 6.47 1.66 21.69
C LYS E 500 5.43 2.38 20.85
N LYS E 501 4.69 1.63 20.02
CA LYS E 501 3.62 2.24 19.24
C LYS E 501 2.58 2.88 20.15
N ALA E 502 2.24 2.21 21.25
CA ALA E 502 1.32 2.77 22.23
C ALA E 502 1.90 4.04 22.85
N ARG E 503 3.13 3.96 23.36
CA ARG E 503 3.73 5.12 24.02
C ARG E 503 3.82 6.32 23.08
N GLN E 504 4.00 6.08 21.78
CA GLN E 504 4.00 7.20 20.85
C GLN E 504 2.60 7.71 20.56
N SER E 505 1.62 6.81 20.43
CA SER E 505 0.28 7.23 20.01
C SER E 505 -0.50 7.90 21.13
N ILE E 506 -0.39 7.39 22.36
CA ILE E 506 -1.23 7.86 23.46
C ILE E 506 -0.93 9.28 23.89
N GLN E 507 0.14 9.88 23.37
CA GLN E 507 0.39 11.29 23.65
C GLN E 507 -0.60 12.16 22.87
N GLY E 508 -1.41 12.91 23.59
CA GLY E 508 -2.40 13.78 22.98
C GLY E 508 -3.45 13.02 22.19
N SER F 2 -34.22 -27.97 44.04
CA SER F 2 -34.95 -26.73 44.42
C SER F 2 -34.21 -25.50 43.87
N PHE F 3 -34.08 -24.45 44.66
CA PHE F 3 -33.43 -23.24 44.19
C PHE F 3 -32.31 -22.80 45.13
N LYS F 4 -31.30 -22.13 44.55
CA LYS F 4 -30.21 -21.58 45.40
C LYS F 4 -29.70 -20.31 44.73
N PRO F 5 -29.53 -19.18 45.47
CA PRO F 5 -28.99 -17.94 44.89
C PRO F 5 -27.52 -18.10 44.56
N MET F 6 -27.09 -17.40 43.49
CA MET F 6 -25.74 -17.53 42.95
C MET F 6 -25.26 -16.21 42.41
N PRO F 7 -23.99 -15.85 42.60
CA PRO F 7 -23.46 -14.63 41.97
C PRO F 7 -23.42 -14.75 40.45
N LEU F 8 -23.00 -13.67 39.81
CA LEU F 8 -23.05 -13.57 38.36
C LEU F 8 -22.11 -14.60 37.73
N ARG F 10 -20.69 -17.65 37.33
CA ARG F 10 -20.80 -19.09 37.60
C ARG F 10 -21.62 -19.78 36.52
#